data_2YNS
#
_entry.id   2YNS
#
_cell.length_a   62.242
_cell.length_b   141.405
_cell.length_c   73.325
_cell.angle_alpha   90.00
_cell.angle_beta   90.17
_cell.angle_gamma   90.00
#
_symmetry.space_group_name_H-M   'P 1 21 1'
#
loop_
_entity.id
_entity.type
_entity.pdbx_description
1 polymer 'IMPORTIN SUBUNIT ALPHA-1A'
2 polymer B54NLS
3 water water
#
loop_
_entity_poly.entity_id
_entity_poly.type
_entity_poly.pdbx_seq_one_letter_code
_entity_poly.pdbx_strand_id
1 'polypeptide(L)'
;GSGMKETAAAKFERQHMDSPDLGTDDDDKAMADIGSSLPAMIGGVYSDDNNLQLEATTQFRKLLSIERSPPIEEVIQSGV
VPRFVQFLTREDFPQLQFEAAWALTNIASGTSENTKVVIDHGAVPIFVKLLGSSSDDVREQAVWALGNVAGDSPKCRDLV
LANGALLPLLAQLNEHTKLSMLRNATWTLSNFCRGKPQPSFEQTRPALPALARLIHSNDEEVLTDACWALSYLSDGTNDK
IQAVIEAGVCPRLVELLLHPSPSVLIPALRTVGNIVTGDDAQTQCIIDHQALPCLLSLLTQNLKKSIKKEACWTISNITA
GNKDQIQAVINAGIIGPLVNLLQTAEFDIKKEAAWAISNATSGGSHDQIKYLVSEGCIKPLCDLLICPDIRIVTVCLEGL
ENILKVGETDKTLAAGDVNVFSQMIDEAEGLEKIENLQSHDNNEIYEKAVKILEAYWMDEEDDTMGATTVAAPQGATFDF
GQGGGAAQFK
;
A,B
2 'polypeptide(L)' SVLGKRKRHPKV C,D
#
# COMPACT_ATOMS: atom_id res chain seq x y z
N SER A 37 -13.03 12.23 -78.29
CA SER A 37 -11.74 12.93 -78.41
C SER A 37 -10.65 12.27 -77.55
N LEU A 38 -10.88 11.03 -77.10
CA LEU A 38 -9.98 10.24 -76.26
C LEU A 38 -8.59 10.02 -76.91
N PRO A 39 -8.41 9.67 -78.22
CA PRO A 39 -7.05 9.47 -78.75
C PRO A 39 -6.15 10.71 -78.61
N ALA A 40 -6.73 11.92 -78.86
CA ALA A 40 -6.05 13.20 -78.74
C ALA A 40 -5.67 13.48 -77.28
N MET A 41 -6.47 12.94 -76.33
CA MET A 41 -6.25 13.08 -74.89
C MET A 41 -5.07 12.20 -74.45
N ILE A 42 -5.11 10.89 -74.78
CA ILE A 42 -4.02 9.94 -74.47
C ILE A 42 -2.73 10.46 -75.12
N GLY A 43 -2.84 10.89 -76.39
CA GLY A 43 -1.76 11.47 -77.18
C GLY A 43 -1.17 12.72 -76.54
N GLY A 44 -2.05 13.59 -76.05
CA GLY A 44 -1.71 14.81 -75.34
C GLY A 44 -1.03 14.53 -74.01
N VAL A 45 -1.56 13.53 -73.27
CA VAL A 45 -0.99 13.10 -72.00
C VAL A 45 0.41 12.51 -72.26
N TYR A 46 0.53 11.69 -73.32
CA TYR A 46 1.78 11.02 -73.70
C TYR A 46 2.71 11.89 -74.60
N SER A 47 2.42 13.19 -74.76
CA SER A 47 3.27 14.09 -75.55
C SER A 47 4.37 14.72 -74.68
N ASP A 48 5.23 15.56 -75.30
CA ASP A 48 6.34 16.26 -74.63
C ASP A 48 6.02 17.77 -74.49
N ASP A 49 5.01 18.25 -75.24
CA ASP A 49 4.57 19.65 -75.23
C ASP A 49 3.77 19.96 -73.97
N ASN A 50 4.17 21.03 -73.24
CA ASN A 50 3.54 21.47 -72.00
C ASN A 50 2.08 21.89 -72.20
N ASN A 51 1.72 22.41 -73.39
CA ASN A 51 0.36 22.83 -73.72
C ASN A 51 -0.58 21.63 -73.88
N LEU A 52 -0.18 20.61 -74.65
CA LEU A 52 -0.95 19.38 -74.89
C LEU A 52 -1.14 18.58 -73.59
N GLN A 53 -0.08 18.47 -72.77
CA GLN A 53 -0.14 17.74 -71.49
C GLN A 53 -1.22 18.33 -70.62
N LEU A 54 -1.30 19.67 -70.53
CA LEU A 54 -2.26 20.37 -69.70
C LEU A 54 -3.71 20.24 -70.21
N GLU A 55 -3.97 20.49 -71.52
CA GLU A 55 -5.34 20.45 -72.08
C GLU A 55 -5.98 19.05 -71.97
N ALA A 56 -5.20 17.99 -72.18
CA ALA A 56 -5.66 16.61 -72.11
C ALA A 56 -5.85 16.15 -70.64
N THR A 57 -5.00 16.62 -69.70
CA THR A 57 -5.16 16.26 -68.28
C THR A 57 -6.45 16.93 -67.73
N THR A 58 -6.71 18.19 -68.16
CA THR A 58 -7.87 19.00 -67.78
C THR A 58 -9.17 18.33 -68.29
N GLN A 59 -9.12 17.74 -69.51
CA GLN A 59 -10.25 17.04 -70.13
C GLN A 59 -10.60 15.77 -69.33
N PHE A 60 -9.57 14.98 -68.87
CA PHE A 60 -9.73 13.77 -68.04
C PHE A 60 -10.30 14.12 -66.66
N ARG A 61 -9.77 15.19 -66.03
CA ARG A 61 -10.23 15.71 -64.75
C ARG A 61 -11.73 16.06 -64.85
N LYS A 62 -12.14 16.81 -65.90
CA LYS A 62 -13.54 17.21 -66.12
C LYS A 62 -14.43 16.00 -66.39
N LEU A 63 -13.88 14.96 -67.09
CA LEU A 63 -14.55 13.71 -67.39
C LEU A 63 -14.80 12.92 -66.10
N LEU A 64 -13.84 12.98 -65.14
CA LEU A 64 -13.89 12.31 -63.83
C LEU A 64 -14.54 13.20 -62.74
N SER A 65 -14.81 14.49 -63.06
CA SER A 65 -15.40 15.47 -62.13
C SER A 65 -16.94 15.53 -62.26
N ILE A 66 -17.54 14.68 -63.14
CA ILE A 66 -19.00 14.61 -63.34
C ILE A 66 -19.66 13.91 -62.14
N GLU A 67 -20.76 14.50 -61.62
CA GLU A 67 -21.48 14.05 -60.43
C GLU A 67 -22.34 12.77 -60.65
N ARG A 68 -22.53 12.32 -61.90
CA ARG A 68 -23.32 11.12 -62.19
C ARG A 68 -22.46 10.01 -62.83
N SER A 69 -21.88 9.13 -61.97
CA SER A 69 -21.02 7.97 -62.28
C SER A 69 -19.82 8.32 -63.23
N PRO A 70 -18.63 8.68 -62.68
CA PRO A 70 -17.50 9.02 -63.58
C PRO A 70 -16.85 7.76 -64.18
N PRO A 71 -16.33 7.81 -65.43
CA PRO A 71 -15.69 6.61 -66.01
C PRO A 71 -14.26 6.43 -65.50
N ILE A 72 -14.13 6.07 -64.21
CA ILE A 72 -12.86 5.89 -63.49
C ILE A 72 -12.06 4.73 -64.09
N GLU A 73 -12.69 3.53 -64.20
CA GLU A 73 -12.10 2.29 -64.73
C GLU A 73 -11.57 2.49 -66.15
N GLU A 74 -12.34 3.21 -67.00
CA GLU A 74 -12.01 3.48 -68.41
C GLU A 74 -10.79 4.42 -68.54
N VAL A 75 -10.65 5.41 -67.62
CA VAL A 75 -9.53 6.36 -67.61
C VAL A 75 -8.25 5.59 -67.20
N ILE A 76 -8.37 4.56 -66.32
CA ILE A 76 -7.26 3.71 -65.89
C ILE A 76 -6.74 2.89 -67.07
N GLN A 77 -7.64 2.17 -67.79
CA GLN A 77 -7.30 1.30 -68.93
C GLN A 77 -6.71 2.09 -70.12
N SER A 78 -6.91 3.44 -70.17
CA SER A 78 -6.29 4.28 -71.21
C SER A 78 -4.79 4.54 -70.87
N GLY A 79 -4.35 3.97 -69.73
CA GLY A 79 -2.98 3.99 -69.21
C GLY A 79 -2.40 5.33 -68.84
N VAL A 80 -3.24 6.31 -68.45
CA VAL A 80 -2.81 7.67 -68.10
C VAL A 80 -2.46 7.81 -66.60
N VAL A 81 -2.85 6.83 -65.75
CA VAL A 81 -2.58 6.86 -64.29
C VAL A 81 -1.06 7.04 -64.04
N PRO A 82 -0.14 6.22 -64.62
CA PRO A 82 1.29 6.46 -64.36
C PRO A 82 1.80 7.80 -64.87
N ARG A 83 1.22 8.31 -65.97
CA ARG A 83 1.67 9.57 -66.54
C ARG A 83 1.20 10.76 -65.69
N PHE A 84 0.02 10.64 -65.03
CA PHE A 84 -0.51 11.68 -64.14
C PHE A 84 0.32 11.77 -62.87
N VAL A 85 0.89 10.63 -62.46
CA VAL A 85 1.73 10.51 -61.27
C VAL A 85 3.08 11.19 -61.58
N GLN A 86 3.56 11.06 -62.83
CA GLN A 86 4.79 11.73 -63.31
C GLN A 86 4.57 13.25 -63.36
N PHE A 87 3.36 13.69 -63.73
CA PHE A 87 2.96 15.10 -63.80
C PHE A 87 2.95 15.77 -62.42
N LEU A 88 2.79 15.00 -61.33
CA LEU A 88 2.81 15.50 -59.95
C LEU A 88 4.20 16.02 -59.55
N THR A 89 5.28 15.48 -60.16
CA THR A 89 6.66 15.85 -59.87
C THR A 89 7.13 17.11 -60.69
N ARG A 90 6.26 17.64 -61.57
CA ARG A 90 6.57 18.82 -62.40
C ARG A 90 6.38 20.11 -61.58
N GLU A 91 7.37 20.41 -60.71
CA GLU A 91 7.42 21.59 -59.82
C GLU A 91 7.40 22.92 -60.59
N ASP A 92 7.80 22.90 -61.84
CA ASP A 92 7.80 24.11 -62.65
C ASP A 92 6.43 24.40 -63.22
N PHE A 93 5.54 23.42 -63.18
CA PHE A 93 4.23 23.55 -63.80
C PHE A 93 3.13 23.23 -62.82
N PRO A 94 2.95 24.09 -61.83
CA PRO A 94 2.00 23.83 -60.75
C PRO A 94 0.58 23.65 -61.24
N GLN A 95 0.26 24.21 -62.39
CA GLN A 95 -1.08 24.07 -62.94
C GLN A 95 -1.33 22.66 -63.45
N LEU A 96 -0.33 22.06 -64.09
CA LEU A 96 -0.44 20.67 -64.51
C LEU A 96 -0.47 19.77 -63.29
N GLN A 97 0.33 20.12 -62.30
CA GLN A 97 0.34 19.40 -61.05
C GLN A 97 -1.08 19.30 -60.50
N PHE A 98 -1.77 20.44 -60.49
CA PHE A 98 -3.11 20.56 -59.93
C PHE A 98 -4.15 19.70 -60.64
N GLU A 99 -4.15 19.72 -61.96
CA GLU A 99 -5.12 18.94 -62.71
C GLU A 99 -4.86 17.45 -62.55
N ALA A 100 -3.59 17.07 -62.61
CA ALA A 100 -3.17 15.69 -62.40
C ALA A 100 -3.57 15.22 -60.99
N ALA A 101 -3.39 16.07 -59.98
CA ALA A 101 -3.76 15.75 -58.59
C ALA A 101 -5.28 15.57 -58.47
N TRP A 102 -6.10 16.44 -59.12
CA TRP A 102 -7.57 16.38 -59.15
C TRP A 102 -8.05 15.07 -59.80
N ALA A 103 -7.55 14.76 -61.03
CA ALA A 103 -7.87 13.54 -61.77
C ALA A 103 -7.56 12.28 -60.94
N LEU A 104 -6.36 12.24 -60.29
CA LEU A 104 -5.93 11.11 -59.44
C LEU A 104 -6.78 11.01 -58.18
N THR A 105 -7.21 12.14 -57.60
CA THR A 105 -8.08 12.16 -56.42
C THR A 105 -9.44 11.52 -56.78
N ASN A 106 -9.96 11.82 -58.00
CA ASN A 106 -11.23 11.30 -58.49
C ASN A 106 -11.10 9.83 -58.90
N ILE A 107 -9.89 9.41 -59.34
CA ILE A 107 -9.59 8.00 -59.64
C ILE A 107 -9.56 7.24 -58.30
N ALA A 108 -8.91 7.82 -57.28
CA ALA A 108 -8.78 7.28 -55.91
C ALA A 108 -10.13 7.35 -55.13
N SER A 109 -11.14 8.09 -55.67
CA SER A 109 -12.47 8.23 -55.06
C SER A 109 -13.37 7.03 -55.38
N GLY A 110 -12.95 6.21 -56.33
CA GLY A 110 -13.70 5.05 -56.81
C GLY A 110 -13.65 3.84 -55.92
N THR A 111 -13.74 2.63 -56.54
CA THR A 111 -13.72 1.34 -55.82
C THR A 111 -12.33 1.06 -55.22
N SER A 112 -12.23 -0.01 -54.41
CA SER A 112 -10.99 -0.43 -53.74
C SER A 112 -9.88 -0.70 -54.77
N GLU A 113 -10.25 -1.37 -55.90
CA GLU A 113 -9.35 -1.71 -57.00
C GLU A 113 -8.75 -0.46 -57.64
N ASN A 114 -9.55 0.62 -57.79
CA ASN A 114 -9.07 1.89 -58.38
C ASN A 114 -8.05 2.58 -57.48
N THR A 115 -8.28 2.60 -56.15
CA THR A 115 -7.39 3.22 -55.15
C THR A 115 -6.05 2.46 -55.15
N LYS A 116 -6.10 1.11 -55.20
CA LYS A 116 -4.91 0.23 -55.24
C LYS A 116 -4.00 0.57 -56.43
N VAL A 117 -4.57 0.89 -57.60
CA VAL A 117 -3.85 1.25 -58.83
C VAL A 117 -3.08 2.59 -58.61
N VAL A 118 -3.70 3.54 -57.91
CA VAL A 118 -3.09 4.83 -57.58
C VAL A 118 -1.92 4.58 -56.61
N ILE A 119 -2.11 3.66 -55.66
CA ILE A 119 -1.08 3.28 -54.69
C ILE A 119 0.08 2.59 -55.43
N ASP A 120 -0.24 1.59 -56.29
CA ASP A 120 0.74 0.81 -57.06
C ASP A 120 1.68 1.71 -57.86
N HIS A 121 1.19 2.89 -58.34
CA HIS A 121 2.03 3.77 -59.11
C HIS A 121 2.76 4.83 -58.23
N GLY A 122 2.91 4.54 -56.95
CA GLY A 122 3.65 5.33 -55.97
C GLY A 122 3.22 6.77 -55.78
N ALA A 123 1.93 7.03 -55.90
CA ALA A 123 1.40 8.38 -55.74
C ALA A 123 1.40 8.84 -54.29
N VAL A 124 1.20 7.90 -53.33
CA VAL A 124 1.12 8.24 -51.89
C VAL A 124 2.37 9.07 -51.41
N PRO A 125 3.66 8.65 -51.54
CA PRO A 125 4.76 9.54 -51.08
C PRO A 125 4.86 10.88 -51.85
N ILE A 126 4.44 10.91 -53.12
CA ILE A 126 4.47 12.14 -53.93
C ILE A 126 3.40 13.12 -53.42
N PHE A 127 2.20 12.64 -53.04
CA PHE A 127 1.17 13.54 -52.48
C PHE A 127 1.64 14.08 -51.12
N VAL A 128 2.41 13.28 -50.34
CA VAL A 128 2.98 13.73 -49.05
C VAL A 128 3.99 14.89 -49.33
N LYS A 129 4.81 14.75 -50.40
CA LYS A 129 5.75 15.78 -50.82
C LYS A 129 4.99 17.06 -51.27
N LEU A 130 3.86 16.88 -51.99
CA LEU A 130 3.02 18.00 -52.48
C LEU A 130 2.38 18.80 -51.33
N LEU A 131 2.46 18.31 -50.06
CA LEU A 131 1.94 19.04 -48.90
C LEU A 131 2.88 20.21 -48.54
N GLY A 132 4.06 20.25 -49.16
CA GLY A 132 5.03 21.32 -48.98
C GLY A 132 5.15 22.23 -50.19
N SER A 133 4.21 22.10 -51.16
CA SER A 133 4.20 22.91 -52.39
C SER A 133 3.94 24.39 -52.11
N SER A 134 4.48 25.26 -52.99
CA SER A 134 4.31 26.71 -52.89
C SER A 134 2.89 27.13 -53.33
N SER A 135 2.22 26.27 -54.12
CA SER A 135 0.86 26.46 -54.61
C SER A 135 -0.15 25.96 -53.58
N ASP A 136 -1.10 26.82 -53.15
CA ASP A 136 -2.14 26.44 -52.19
C ASP A 136 -3.14 25.47 -52.82
N ASP A 137 -3.39 25.61 -54.13
CA ASP A 137 -4.29 24.77 -54.92
C ASP A 137 -3.80 23.33 -54.94
N VAL A 138 -2.48 23.13 -55.17
CA VAL A 138 -1.83 21.82 -55.21
C VAL A 138 -1.83 21.18 -53.80
N ARG A 139 -1.45 21.96 -52.75
CA ARG A 139 -1.44 21.50 -51.35
C ARG A 139 -2.81 21.01 -50.91
N GLU A 140 -3.87 21.74 -51.30
CA GLU A 140 -5.26 21.42 -50.99
C GLU A 140 -5.68 20.13 -51.66
N GLN A 141 -5.29 19.95 -52.94
CA GLN A 141 -5.55 18.77 -53.75
C GLN A 141 -4.81 17.56 -53.15
N ALA A 142 -3.55 17.76 -52.71
CA ALA A 142 -2.74 16.72 -52.05
C ALA A 142 -3.42 16.24 -50.79
N VAL A 143 -4.07 17.16 -50.03
CA VAL A 143 -4.80 16.84 -48.79
C VAL A 143 -6.02 15.97 -49.14
N TRP A 144 -6.90 16.40 -50.07
CA TRP A 144 -8.10 15.64 -50.46
C TRP A 144 -7.72 14.26 -51.04
N ALA A 145 -6.60 14.18 -51.80
CA ALA A 145 -6.07 12.93 -52.37
C ALA A 145 -5.69 11.93 -51.26
N LEU A 146 -5.01 12.41 -50.22
CA LEU A 146 -4.56 11.57 -49.10
C LEU A 146 -5.74 11.10 -48.25
N GLY A 147 -6.73 11.96 -48.04
CA GLY A 147 -7.96 11.63 -47.32
C GLY A 147 -8.79 10.56 -48.03
N ASN A 148 -8.78 10.57 -49.38
CA ASN A 148 -9.48 9.59 -50.21
C ASN A 148 -8.79 8.24 -50.16
N VAL A 149 -7.46 8.26 -50.26
CA VAL A 149 -6.68 7.03 -50.20
C VAL A 149 -6.83 6.45 -48.79
N ALA A 150 -6.64 7.27 -47.72
CA ALA A 150 -6.75 6.84 -46.33
C ALA A 150 -8.15 6.31 -45.98
N GLY A 151 -9.19 6.90 -46.57
CA GLY A 151 -10.57 6.49 -46.34
C GLY A 151 -10.97 5.16 -46.96
N ASP A 152 -10.14 4.58 -47.85
CA ASP A 152 -10.46 3.33 -48.56
C ASP A 152 -10.57 2.14 -47.62
N SER A 153 -9.56 1.92 -46.74
CA SER A 153 -9.53 0.81 -45.80
C SER A 153 -8.53 1.09 -44.68
N PRO A 154 -8.56 0.35 -43.53
CA PRO A 154 -7.54 0.58 -42.48
C PRO A 154 -6.09 0.37 -42.97
N LYS A 155 -5.89 -0.54 -43.96
CA LYS A 155 -4.59 -0.82 -44.55
C LYS A 155 -4.10 0.40 -45.32
N CYS A 156 -4.98 1.05 -46.13
CA CYS A 156 -4.63 2.24 -46.90
C CYS A 156 -4.37 3.42 -45.97
N ARG A 157 -5.13 3.52 -44.88
CA ARG A 157 -4.95 4.56 -43.87
C ARG A 157 -3.53 4.39 -43.23
N ASP A 158 -3.16 3.16 -42.89
CA ASP A 158 -1.85 2.86 -42.31
C ASP A 158 -0.69 3.14 -43.29
N LEU A 159 -0.90 2.98 -44.60
CA LEU A 159 0.13 3.28 -45.59
C LEU A 159 0.37 4.79 -45.70
N VAL A 160 -0.71 5.58 -45.66
CA VAL A 160 -0.65 7.04 -45.72
C VAL A 160 0.08 7.53 -44.47
N LEU A 161 -0.30 7.00 -43.30
CA LEU A 161 0.34 7.33 -42.02
C LEU A 161 1.82 6.90 -42.02
N ALA A 162 2.16 5.72 -42.62
CA ALA A 162 3.53 5.20 -42.70
C ALA A 162 4.42 6.04 -43.62
N ASN A 163 3.82 6.71 -44.64
CA ASN A 163 4.55 7.59 -45.55
C ASN A 163 4.73 8.99 -44.96
N GLY A 164 4.38 9.15 -43.69
CA GLY A 164 4.52 10.37 -42.90
C GLY A 164 3.70 11.53 -43.41
N ALA A 165 2.40 11.32 -43.59
CA ALA A 165 1.52 12.38 -44.09
C ALA A 165 1.04 13.30 -42.99
N LEU A 166 0.97 12.80 -41.75
CA LEU A 166 0.41 13.56 -40.62
C LEU A 166 1.17 14.85 -40.31
N LEU A 167 2.50 14.79 -40.04
CA LEU A 167 3.25 15.99 -39.67
C LEU A 167 3.27 17.08 -40.78
N PRO A 168 3.55 16.81 -42.09
CA PRO A 168 3.45 17.90 -43.08
C PRO A 168 2.02 18.43 -43.26
N LEU A 169 0.99 17.57 -43.04
CA LEU A 169 -0.43 18.00 -43.12
C LEU A 169 -0.71 19.08 -42.06
N LEU A 170 -0.22 18.87 -40.81
CA LEU A 170 -0.37 19.81 -39.70
C LEU A 170 0.50 21.06 -39.85
N ALA A 171 1.72 20.95 -40.44
CA ALA A 171 2.65 22.06 -40.62
C ALA A 171 2.09 23.19 -41.51
N GLN A 172 1.23 22.85 -42.48
CA GLN A 172 0.64 23.85 -43.38
C GLN A 172 -0.68 24.43 -42.82
N LEU A 173 -1.04 24.08 -41.57
CA LEU A 173 -2.22 24.60 -40.87
C LEU A 173 -1.80 25.64 -39.84
N ASN A 174 -2.42 26.84 -39.88
CA ASN A 174 -2.14 27.95 -38.96
C ASN A 174 -3.28 29.02 -38.97
N GLU A 175 -3.01 30.22 -38.39
CA GLU A 175 -3.91 31.38 -38.24
C GLU A 175 -4.46 31.93 -39.56
N HIS A 176 -3.70 31.78 -40.66
CA HIS A 176 -4.07 32.32 -41.96
C HIS A 176 -4.57 31.25 -42.94
N THR A 177 -4.92 30.05 -42.43
CA THR A 177 -5.42 28.96 -43.29
C THR A 177 -6.87 29.29 -43.71
N LYS A 178 -7.14 29.28 -45.04
CA LYS A 178 -8.48 29.58 -45.59
C LYS A 178 -9.45 28.43 -45.26
N LEU A 179 -10.76 28.72 -45.17
CA LEU A 179 -11.81 27.76 -44.83
C LEU A 179 -11.79 26.49 -45.71
N SER A 180 -11.58 26.64 -47.04
CA SER A 180 -11.54 25.50 -47.96
C SER A 180 -10.48 24.46 -47.52
N MET A 181 -9.27 24.93 -47.15
CA MET A 181 -8.20 24.07 -46.65
C MET A 181 -8.55 23.55 -45.25
N LEU A 182 -9.14 24.43 -44.38
CA LEU A 182 -9.55 23.97 -43.03
C LEU A 182 -10.55 22.81 -43.14
N ARG A 183 -11.45 22.86 -44.14
CA ARG A 183 -12.47 21.85 -44.38
C ARG A 183 -11.86 20.52 -44.89
N ASN A 184 -10.94 20.60 -45.88
CA ASN A 184 -10.26 19.44 -46.45
C ASN A 184 -9.31 18.77 -45.46
N ALA A 185 -8.55 19.56 -44.68
CA ALA A 185 -7.60 19.04 -43.69
C ALA A 185 -8.32 18.34 -42.55
N THR A 186 -9.45 18.90 -42.05
CA THR A 186 -10.24 18.30 -40.96
C THR A 186 -10.84 16.96 -41.42
N TRP A 187 -11.39 16.88 -42.64
CA TRP A 187 -11.96 15.65 -43.21
C TRP A 187 -10.89 14.57 -43.34
N THR A 188 -9.71 14.93 -43.91
CA THR A 188 -8.57 14.05 -44.10
C THR A 188 -8.09 13.54 -42.72
N LEU A 189 -7.95 14.43 -41.70
CA LEU A 189 -7.57 14.03 -40.33
C LEU A 189 -8.54 12.98 -39.81
N SER A 190 -9.87 13.19 -40.03
CA SER A 190 -10.90 12.24 -39.58
C SER A 190 -10.73 10.88 -40.23
N ASN A 191 -10.30 10.83 -41.51
CA ASN A 191 -10.06 9.59 -42.24
C ASN A 191 -8.80 8.88 -41.74
N PHE A 192 -7.85 9.65 -41.15
CA PHE A 192 -6.62 9.09 -40.58
C PHE A 192 -6.92 8.39 -39.25
N CYS A 193 -7.97 8.83 -38.53
CA CYS A 193 -8.39 8.33 -37.21
C CYS A 193 -9.49 7.23 -37.31
N ARG A 194 -10.24 7.20 -38.41
CA ARG A 194 -11.35 6.28 -38.70
C ARG A 194 -10.89 4.83 -38.88
N GLY A 195 -11.84 3.89 -38.75
CA GLY A 195 -11.62 2.48 -39.03
C GLY A 195 -11.24 1.59 -37.88
N LYS A 196 -11.59 0.30 -38.03
CA LYS A 196 -11.32 -0.77 -37.08
C LYS A 196 -10.56 -1.88 -37.80
N PRO A 197 -9.38 -2.34 -37.31
CA PRO A 197 -8.65 -1.93 -36.11
C PRO A 197 -8.22 -0.46 -36.16
N GLN A 198 -8.30 0.22 -35.00
CA GLN A 198 -7.95 1.63 -34.85
C GLN A 198 -6.48 1.87 -35.17
N PRO A 199 -6.08 3.05 -35.70
CA PRO A 199 -4.64 3.27 -35.96
C PRO A 199 -3.87 3.35 -34.65
N SER A 200 -2.54 3.25 -34.69
CA SER A 200 -1.74 3.37 -33.46
C SER A 200 -1.97 4.74 -32.83
N PHE A 201 -2.09 4.78 -31.51
CA PHE A 201 -2.33 6.03 -30.81
C PHE A 201 -1.11 6.94 -30.93
N GLU A 202 0.09 6.37 -31.00
CA GLU A 202 1.32 7.14 -31.17
C GLU A 202 1.37 7.74 -32.59
N GLN A 203 0.77 7.05 -33.58
CA GLN A 203 0.69 7.55 -34.95
C GLN A 203 -0.24 8.75 -35.07
N THR A 204 -1.40 8.75 -34.37
CA THR A 204 -2.42 9.81 -34.45
C THR A 204 -2.34 10.86 -33.33
N ARG A 205 -1.49 10.62 -32.29
CA ARG A 205 -1.26 11.53 -31.15
C ARG A 205 -0.97 12.98 -31.60
N PRO A 206 -0.13 13.25 -32.64
CA PRO A 206 0.14 14.65 -33.02
C PRO A 206 -1.09 15.44 -33.53
N ALA A 207 -2.19 14.75 -33.90
CA ALA A 207 -3.39 15.41 -34.40
C ALA A 207 -4.24 16.03 -33.28
N LEU A 208 -4.03 15.63 -32.00
CA LEU A 208 -4.83 16.10 -30.85
C LEU A 208 -4.78 17.60 -30.61
N PRO A 209 -3.62 18.32 -30.58
CA PRO A 209 -3.70 19.79 -30.38
C PRO A 209 -4.42 20.49 -31.53
N ALA A 210 -4.25 20.00 -32.79
CA ALA A 210 -4.91 20.59 -33.95
C ALA A 210 -6.42 20.43 -33.86
N LEU A 211 -6.94 19.20 -33.59
CA LEU A 211 -8.37 18.94 -33.44
C LEU A 211 -8.97 19.76 -32.30
N ALA A 212 -8.24 19.91 -31.16
CA ALA A 212 -8.65 20.76 -30.02
C ALA A 212 -8.94 22.19 -30.44
N ARG A 213 -8.11 22.74 -31.33
CA ARG A 213 -8.29 24.08 -31.88
C ARG A 213 -9.40 24.08 -32.90
N LEU A 214 -9.45 23.06 -33.80
CA LEU A 214 -10.47 23.00 -34.85
C LEU A 214 -11.93 22.91 -34.33
N ILE A 215 -12.18 22.33 -33.14
CA ILE A 215 -13.57 22.26 -32.63
C ILE A 215 -14.06 23.63 -32.12
N HIS A 216 -13.22 24.68 -32.17
CA HIS A 216 -13.60 26.03 -31.76
C HIS A 216 -14.09 26.83 -32.96
N SER A 217 -14.16 26.17 -34.13
CA SER A 217 -14.67 26.77 -35.35
C SER A 217 -16.21 26.87 -35.25
N ASN A 218 -16.81 27.75 -36.05
CA ASN A 218 -18.26 27.91 -36.11
C ASN A 218 -18.78 27.23 -37.39
N ASP A 219 -17.84 26.76 -38.27
CA ASP A 219 -18.15 26.09 -39.54
C ASP A 219 -18.64 24.67 -39.27
N GLU A 220 -19.91 24.40 -39.67
CA GLU A 220 -20.62 23.14 -39.52
C GLU A 220 -19.85 21.92 -40.07
N GLU A 221 -19.11 22.10 -41.19
CA GLU A 221 -18.34 21.01 -41.81
C GLU A 221 -17.10 20.66 -40.99
N VAL A 222 -16.32 21.68 -40.58
CA VAL A 222 -15.13 21.54 -39.75
C VAL A 222 -15.52 20.92 -38.38
N LEU A 223 -16.64 21.34 -37.81
CA LEU A 223 -17.14 20.83 -36.53
C LEU A 223 -17.52 19.37 -36.65
N THR A 224 -18.19 19.00 -37.73
CA THR A 224 -18.59 17.62 -38.00
C THR A 224 -17.35 16.70 -38.00
N ASP A 225 -16.42 16.99 -38.91
CA ASP A 225 -15.22 16.22 -39.16
C ASP A 225 -14.27 16.19 -37.98
N ALA A 226 -14.16 17.30 -37.22
CA ALA A 226 -13.30 17.37 -36.03
C ALA A 226 -13.84 16.47 -34.93
N CYS A 227 -15.17 16.47 -34.72
CA CYS A 227 -15.86 15.71 -33.68
C CYS A 227 -15.81 14.23 -33.97
N TRP A 228 -15.97 13.84 -35.25
CA TRP A 228 -15.86 12.44 -35.65
C TRP A 228 -14.42 11.97 -35.35
N ALA A 229 -13.41 12.79 -35.69
CA ALA A 229 -12.00 12.46 -35.46
C ALA A 229 -11.72 12.26 -33.97
N LEU A 230 -12.33 13.11 -33.12
CA LEU A 230 -12.19 13.02 -31.66
C LEU A 230 -13.00 11.83 -31.08
N SER A 231 -14.08 11.39 -31.75
CA SER A 231 -14.88 10.24 -31.30
C SER A 231 -14.11 8.95 -31.53
N TYR A 232 -13.22 8.93 -32.56
CA TYR A 232 -12.40 7.75 -32.88
C TYR A 232 -11.23 7.66 -31.90
N LEU A 233 -10.55 8.81 -31.67
CA LEU A 233 -9.41 8.94 -30.76
C LEU A 233 -9.77 8.67 -29.30
N SER A 234 -10.99 9.06 -28.90
CA SER A 234 -11.50 8.90 -27.53
C SER A 234 -12.00 7.48 -27.22
N ASP A 235 -12.25 6.65 -28.25
CA ASP A 235 -12.75 5.27 -28.08
C ASP A 235 -11.55 4.32 -27.87
N GLY A 236 -11.54 3.66 -26.71
CA GLY A 236 -10.48 2.74 -26.33
C GLY A 236 -10.18 2.80 -24.85
N THR A 237 -8.94 2.48 -24.48
CA THR A 237 -8.50 2.44 -23.07
C THR A 237 -8.47 3.86 -22.45
N ASN A 238 -8.38 3.93 -21.10
CA ASN A 238 -8.43 5.19 -20.36
C ASN A 238 -7.18 6.06 -20.58
N ASP A 239 -6.04 5.46 -21.02
CA ASP A 239 -4.85 6.24 -21.33
C ASP A 239 -5.09 7.11 -22.60
N LYS A 240 -5.96 6.63 -23.53
CA LYS A 240 -6.34 7.34 -24.76
C LYS A 240 -7.23 8.53 -24.41
N ILE A 241 -8.20 8.29 -23.50
CA ILE A 241 -9.12 9.30 -22.99
C ILE A 241 -8.31 10.39 -22.29
N GLN A 242 -7.29 10.01 -21.49
CA GLN A 242 -6.44 10.93 -20.75
C GLN A 242 -5.78 11.97 -21.68
N ALA A 243 -5.27 11.53 -22.84
CA ALA A 243 -4.62 12.42 -23.83
C ALA A 243 -5.63 13.33 -24.49
N VAL A 244 -6.88 12.82 -24.64
CA VAL A 244 -8.00 13.56 -25.23
C VAL A 244 -8.40 14.69 -24.25
N ILE A 245 -8.53 14.37 -22.93
CA ILE A 245 -8.90 15.37 -21.93
C ILE A 245 -7.74 16.38 -21.69
N GLU A 246 -6.47 15.95 -21.77
CA GLU A 246 -5.29 16.83 -21.60
C GLU A 246 -5.13 17.81 -22.77
N ALA A 247 -5.77 17.52 -23.92
CA ALA A 247 -5.78 18.40 -25.10
C ALA A 247 -6.69 19.63 -24.85
N GLY A 248 -7.60 19.52 -23.86
CA GLY A 248 -8.48 20.59 -23.40
C GLY A 248 -9.82 20.73 -24.09
N VAL A 249 -10.30 19.65 -24.71
CA VAL A 249 -11.54 19.60 -25.51
C VAL A 249 -12.86 19.50 -24.72
N CYS A 250 -12.86 19.04 -23.45
CA CYS A 250 -14.08 18.84 -22.65
C CYS A 250 -15.02 20.09 -22.61
N PRO A 251 -14.56 21.34 -22.31
CA PRO A 251 -15.51 22.47 -22.27
C PRO A 251 -16.27 22.72 -23.58
N ARG A 252 -15.56 22.68 -24.71
CA ARG A 252 -16.13 22.96 -26.02
C ARG A 252 -17.01 21.82 -26.51
N LEU A 253 -16.63 20.56 -26.22
CA LEU A 253 -17.43 19.39 -26.60
C LEU A 253 -18.84 19.45 -25.98
N VAL A 254 -18.93 19.96 -24.74
CA VAL A 254 -20.18 20.09 -23.99
C VAL A 254 -21.04 21.15 -24.67
N GLU A 255 -20.44 22.28 -25.12
CA GLU A 255 -21.16 23.34 -25.84
C GLU A 255 -21.75 22.79 -27.14
N LEU A 256 -21.01 21.89 -27.80
CA LEU A 256 -21.41 21.28 -29.07
C LEU A 256 -22.55 20.26 -28.89
N LEU A 257 -22.90 19.89 -27.63
CA LEU A 257 -24.08 19.04 -27.34
C LEU A 257 -25.38 19.83 -27.59
N LEU A 258 -25.28 21.18 -27.62
CA LEU A 258 -26.39 22.10 -27.85
C LEU A 258 -26.42 22.62 -29.30
N HIS A 259 -25.54 22.11 -30.17
CA HIS A 259 -25.49 22.49 -31.58
C HIS A 259 -26.80 22.06 -32.23
N PRO A 260 -27.48 23.00 -32.92
CA PRO A 260 -28.78 22.69 -33.53
C PRO A 260 -28.69 21.67 -34.68
N SER A 261 -27.49 21.49 -35.26
CA SER A 261 -27.29 20.59 -36.38
C SER A 261 -26.95 19.18 -35.88
N PRO A 262 -27.77 18.15 -36.23
CA PRO A 262 -27.44 16.77 -35.83
C PRO A 262 -26.12 16.25 -36.43
N SER A 263 -25.62 16.87 -37.52
CA SER A 263 -24.32 16.50 -38.12
C SER A 263 -23.17 16.77 -37.14
N VAL A 264 -23.29 17.85 -36.33
CA VAL A 264 -22.31 18.21 -35.31
C VAL A 264 -22.67 17.50 -34.00
N LEU A 265 -23.97 17.50 -33.62
CA LEU A 265 -24.43 16.90 -32.36
C LEU A 265 -24.01 15.46 -32.18
N ILE A 266 -24.36 14.58 -33.14
CA ILE A 266 -24.10 13.13 -33.10
C ILE A 266 -22.60 12.79 -32.77
N PRO A 267 -21.55 13.25 -33.54
CA PRO A 267 -20.16 12.91 -33.15
C PRO A 267 -19.71 13.60 -31.87
N ALA A 268 -20.31 14.75 -31.48
CA ALA A 268 -19.93 15.42 -30.22
C ALA A 268 -20.44 14.58 -29.05
N LEU A 269 -21.71 14.11 -29.14
CA LEU A 269 -22.35 13.22 -28.15
C LEU A 269 -21.56 11.90 -28.01
N ARG A 270 -21.07 11.35 -29.15
CA ARG A 270 -20.24 10.13 -29.20
C ARG A 270 -18.93 10.30 -28.46
N THR A 271 -18.28 11.46 -28.61
CA THR A 271 -17.00 11.79 -27.95
C THR A 271 -17.20 11.96 -26.46
N VAL A 272 -18.25 12.70 -26.06
CA VAL A 272 -18.57 12.94 -24.64
C VAL A 272 -18.88 11.57 -24.00
N GLY A 273 -19.64 10.75 -24.71
CA GLY A 273 -19.99 9.40 -24.30
C GLY A 273 -18.76 8.53 -24.08
N ASN A 274 -17.76 8.62 -24.97
CA ASN A 274 -16.54 7.81 -24.87
C ASN A 274 -15.69 8.24 -23.68
N ILE A 275 -15.66 9.55 -23.39
CA ILE A 275 -14.89 10.11 -22.28
C ILE A 275 -15.46 9.61 -20.94
N VAL A 276 -16.81 9.53 -20.80
CA VAL A 276 -17.42 9.11 -19.54
C VAL A 276 -17.35 7.60 -19.33
N THR A 277 -16.77 6.84 -20.29
CA THR A 277 -16.53 5.39 -20.11
C THR A 277 -15.29 5.22 -19.23
N GLY A 278 -14.52 6.30 -19.05
CA GLY A 278 -13.29 6.34 -18.26
C GLY A 278 -13.49 6.28 -16.76
N ASP A 279 -12.42 6.59 -15.98
CA ASP A 279 -12.50 6.55 -14.51
C ASP A 279 -13.29 7.76 -13.95
N ASP A 280 -13.46 7.81 -12.61
CA ASP A 280 -14.24 8.87 -11.92
C ASP A 280 -13.69 10.26 -12.19
N ALA A 281 -12.36 10.42 -12.19
CA ALA A 281 -11.68 11.69 -12.44
C ALA A 281 -11.87 12.18 -13.89
N GLN A 282 -11.77 11.27 -14.88
CA GLN A 282 -11.97 11.60 -16.30
C GLN A 282 -13.43 11.98 -16.60
N THR A 283 -14.39 11.29 -15.94
CA THR A 283 -15.83 11.49 -16.05
C THR A 283 -16.20 12.85 -15.44
N GLN A 284 -15.52 13.21 -14.35
CA GLN A 284 -15.70 14.48 -13.68
C GLN A 284 -15.37 15.70 -14.59
N CYS A 285 -14.39 15.58 -15.53
CA CYS A 285 -14.00 16.65 -16.47
C CYS A 285 -15.18 17.05 -17.38
N ILE A 286 -16.12 16.12 -17.62
CA ILE A 286 -17.29 16.37 -18.44
C ILE A 286 -18.39 16.97 -17.54
N ILE A 287 -18.60 16.43 -16.33
CA ILE A 287 -19.62 16.89 -15.36
C ILE A 287 -19.36 18.34 -14.94
N ASP A 288 -18.08 18.69 -14.72
CA ASP A 288 -17.66 20.04 -14.29
C ASP A 288 -18.07 21.15 -15.30
N HIS A 289 -18.37 20.80 -16.56
CA HIS A 289 -18.75 21.82 -17.53
C HIS A 289 -20.25 21.74 -17.88
N GLN A 290 -21.09 21.40 -16.88
CA GLN A 290 -22.57 21.36 -16.93
C GLN A 290 -23.08 20.49 -18.10
N ALA A 291 -22.46 19.32 -18.30
CA ALA A 291 -22.87 18.39 -19.34
C ALA A 291 -24.21 17.75 -19.03
N LEU A 292 -24.52 17.51 -17.74
CA LEU A 292 -25.78 16.84 -17.36
C LEU A 292 -27.00 17.67 -17.74
N PRO A 293 -27.12 19.00 -17.45
CA PRO A 293 -28.29 19.76 -17.97
C PRO A 293 -28.37 19.76 -19.51
N CYS A 294 -27.21 19.66 -20.24
CA CYS A 294 -27.19 19.59 -21.72
C CYS A 294 -27.77 18.26 -22.18
N LEU A 295 -27.34 17.16 -21.55
CA LEU A 295 -27.74 15.80 -21.86
C LEU A 295 -29.23 15.58 -21.61
N LEU A 296 -29.76 16.24 -20.59
CA LEU A 296 -31.18 16.19 -20.22
C LEU A 296 -32.04 16.81 -21.32
N SER A 297 -31.59 17.94 -21.90
CA SER A 297 -32.32 18.63 -22.97
C SER A 297 -32.42 17.75 -24.23
N LEU A 298 -31.47 16.85 -24.43
CA LEU A 298 -31.51 15.93 -25.57
C LEU A 298 -32.61 14.86 -25.35
N LEU A 299 -32.93 14.56 -24.06
CA LEU A 299 -33.95 13.58 -23.69
C LEU A 299 -35.34 14.13 -23.80
N THR A 300 -35.51 15.43 -23.52
CA THR A 300 -36.82 16.08 -23.48
C THR A 300 -37.19 16.73 -24.81
N GLN A 301 -36.20 17.10 -25.64
CA GLN A 301 -36.55 17.72 -26.91
C GLN A 301 -36.81 16.60 -27.96
N ASN A 302 -37.61 16.90 -28.98
CA ASN A 302 -38.06 15.92 -29.97
C ASN A 302 -36.98 15.60 -31.02
N LEU A 303 -36.05 14.71 -30.63
CA LEU A 303 -34.93 14.28 -31.46
C LEU A 303 -35.06 12.82 -31.87
N LYS A 304 -34.20 12.39 -32.81
CA LYS A 304 -34.14 11.03 -33.32
C LYS A 304 -33.86 10.06 -32.15
N LYS A 305 -34.41 8.83 -32.25
CA LYS A 305 -34.33 7.72 -31.30
C LYS A 305 -32.87 7.38 -30.99
N SER A 306 -31.99 7.37 -32.03
CA SER A 306 -30.57 7.08 -31.88
C SER A 306 -29.85 8.15 -31.04
N ILE A 307 -30.31 9.43 -31.11
CA ILE A 307 -29.72 10.52 -30.31
C ILE A 307 -30.02 10.25 -28.84
N LYS A 308 -31.30 10.02 -28.50
CA LYS A 308 -31.76 9.76 -27.14
C LYS A 308 -31.09 8.50 -26.55
N LYS A 309 -30.95 7.44 -27.38
CA LYS A 309 -30.29 6.18 -27.05
C LYS A 309 -28.85 6.43 -26.60
N GLU A 310 -28.09 7.24 -27.37
CA GLU A 310 -26.71 7.62 -27.05
C GLU A 310 -26.62 8.44 -25.78
N ALA A 311 -27.58 9.39 -25.58
CA ALA A 311 -27.68 10.27 -24.41
C ALA A 311 -27.93 9.47 -23.14
N CYS A 312 -28.81 8.44 -23.18
CA CYS A 312 -29.09 7.54 -22.04
C CYS A 312 -27.86 6.69 -21.71
N TRP A 313 -27.17 6.18 -22.75
CA TRP A 313 -25.95 5.38 -22.62
C TRP A 313 -24.84 6.21 -21.95
N THR A 314 -24.71 7.50 -22.34
CA THR A 314 -23.75 8.43 -21.75
C THR A 314 -24.06 8.61 -20.25
N ILE A 315 -25.33 8.83 -19.91
CA ILE A 315 -25.83 9.00 -18.53
C ILE A 315 -25.56 7.73 -17.71
N SER A 316 -25.73 6.55 -18.33
CA SER A 316 -25.51 5.25 -17.67
C SER A 316 -24.07 5.06 -17.22
N ASN A 317 -23.13 5.66 -17.96
CA ASN A 317 -21.71 5.56 -17.61
C ASN A 317 -21.35 6.62 -16.59
N ILE A 318 -22.23 7.63 -16.38
CA ILE A 318 -22.03 8.65 -15.37
C ILE A 318 -22.54 8.08 -14.04
N THR A 319 -23.76 7.44 -14.06
CA THR A 319 -24.38 6.79 -12.89
C THR A 319 -23.55 5.56 -12.45
N ALA A 320 -22.61 5.08 -13.31
CA ALA A 320 -21.67 4.01 -13.00
C ALA A 320 -20.50 4.57 -12.16
N GLY A 321 -20.56 5.87 -11.90
CA GLY A 321 -19.57 6.63 -11.16
C GLY A 321 -19.77 6.63 -9.67
N ASN A 322 -19.09 7.55 -8.98
CA ASN A 322 -19.15 7.65 -7.51
C ASN A 322 -20.49 8.29 -7.02
N LYS A 323 -20.64 8.52 -5.71
CA LYS A 323 -21.85 9.05 -5.08
C LYS A 323 -22.14 10.50 -5.45
N ASP A 324 -21.09 11.30 -5.60
CA ASP A 324 -21.16 12.71 -5.98
C ASP A 324 -21.54 12.84 -7.44
N GLN A 325 -21.15 11.86 -8.25
CA GLN A 325 -21.45 11.85 -9.70
C GLN A 325 -22.90 11.48 -9.92
N ILE A 326 -23.44 10.52 -9.13
CA ILE A 326 -24.85 10.10 -9.14
C ILE A 326 -25.70 11.28 -8.63
N GLN A 327 -25.20 12.01 -7.60
CA GLN A 327 -25.86 13.18 -7.03
C GLN A 327 -25.99 14.29 -8.08
N ALA A 328 -24.98 14.46 -8.96
CA ALA A 328 -25.02 15.50 -10.00
C ALA A 328 -26.11 15.20 -11.05
N VAL A 329 -26.37 13.90 -11.33
CA VAL A 329 -27.42 13.40 -12.24
C VAL A 329 -28.77 13.75 -11.62
N ILE A 330 -28.90 13.50 -10.28
CA ILE A 330 -30.09 13.75 -9.48
C ILE A 330 -30.37 15.24 -9.45
N ASN A 331 -29.34 16.04 -9.11
CA ASN A 331 -29.39 17.49 -9.03
C ASN A 331 -29.85 18.13 -10.33
N ALA A 332 -29.46 17.56 -11.49
CA ALA A 332 -29.81 18.08 -12.81
C ALA A 332 -31.29 17.89 -13.18
N GLY A 333 -32.01 17.07 -12.43
CA GLY A 333 -33.40 16.73 -12.67
C GLY A 333 -33.57 15.69 -13.77
N ILE A 334 -32.59 14.76 -13.91
CA ILE A 334 -32.59 13.72 -14.94
C ILE A 334 -33.44 12.47 -14.60
N ILE A 335 -33.57 12.09 -13.31
CA ILE A 335 -34.26 10.85 -12.91
C ILE A 335 -35.73 10.78 -13.41
N GLY A 336 -36.50 11.86 -13.20
CA GLY A 336 -37.89 11.96 -13.66
C GLY A 336 -38.05 11.62 -15.14
N PRO A 337 -37.41 12.40 -16.06
CA PRO A 337 -37.49 12.08 -17.50
C PRO A 337 -36.93 10.72 -17.89
N LEU A 338 -35.91 10.25 -17.15
CA LEU A 338 -35.24 8.99 -17.37
C LEU A 338 -36.16 7.82 -17.02
N VAL A 339 -36.94 7.92 -15.91
CA VAL A 339 -37.89 6.88 -15.48
C VAL A 339 -39.02 6.78 -16.52
N ASN A 340 -39.52 7.91 -17.05
CA ASN A 340 -40.57 7.96 -18.07
C ASN A 340 -40.11 7.21 -19.33
N LEU A 341 -38.85 7.47 -19.81
CA LEU A 341 -38.30 6.76 -20.98
C LEU A 341 -38.24 5.27 -20.72
N LEU A 342 -37.75 4.87 -19.52
CA LEU A 342 -37.62 3.48 -19.08
C LEU A 342 -38.98 2.75 -19.15
N GLN A 343 -40.05 3.48 -18.89
CA GLN A 343 -41.44 3.02 -18.89
C GLN A 343 -42.12 3.08 -20.29
N THR A 344 -41.90 4.18 -21.06
CA THR A 344 -42.64 4.40 -22.30
C THR A 344 -41.85 4.40 -23.63
N ALA A 345 -40.54 4.72 -23.63
CA ALA A 345 -39.77 4.88 -24.87
C ALA A 345 -39.60 3.58 -25.70
N GLU A 346 -39.05 3.73 -26.93
CA GLU A 346 -38.73 2.61 -27.82
C GLU A 346 -37.63 1.76 -27.14
N PHE A 347 -37.73 0.42 -27.25
CA PHE A 347 -36.87 -0.58 -26.59
C PHE A 347 -35.38 -0.22 -26.52
N ASP A 348 -34.80 0.28 -27.62
CA ASP A 348 -33.39 0.68 -27.69
C ASP A 348 -33.05 1.77 -26.68
N ILE A 349 -34.00 2.69 -26.39
CA ILE A 349 -33.81 3.73 -25.37
C ILE A 349 -34.05 3.11 -23.98
N LYS A 350 -35.16 2.30 -23.80
CA LYS A 350 -35.48 1.62 -22.53
C LYS A 350 -34.28 0.84 -22.01
N LYS A 351 -33.65 0.05 -22.90
CA LYS A 351 -32.44 -0.73 -22.62
C LYS A 351 -31.39 0.12 -21.93
N GLU A 352 -31.09 1.30 -22.50
CA GLU A 352 -30.08 2.21 -21.98
C GLU A 352 -30.55 2.93 -20.71
N ALA A 353 -31.87 3.24 -20.60
CA ALA A 353 -32.45 3.86 -19.39
C ALA A 353 -32.40 2.88 -18.21
N ALA A 354 -32.48 1.55 -18.49
CA ALA A 354 -32.41 0.50 -17.47
C ALA A 354 -31.01 0.45 -16.88
N TRP A 355 -29.97 0.51 -17.74
CA TRP A 355 -28.58 0.56 -17.30
C TRP A 355 -28.31 1.84 -16.47
N ALA A 356 -28.81 3.02 -16.90
CA ALA A 356 -28.63 4.27 -16.15
C ALA A 356 -29.22 4.17 -14.73
N ILE A 357 -30.46 3.65 -14.63
CA ILE A 357 -31.20 3.51 -13.37
C ILE A 357 -30.52 2.48 -12.46
N SER A 358 -30.21 1.28 -12.98
CA SER A 358 -29.60 0.20 -12.21
C SER A 358 -28.17 0.51 -11.78
N ASN A 359 -27.39 1.25 -12.61
CA ASN A 359 -26.01 1.67 -12.26
C ASN A 359 -26.02 2.61 -11.06
N ALA A 360 -27.05 3.46 -10.96
CA ALA A 360 -27.19 4.39 -9.83
C ALA A 360 -27.51 3.64 -8.54
N THR A 361 -28.27 2.50 -8.61
CA THR A 361 -28.60 1.67 -7.43
C THR A 361 -27.35 0.92 -6.94
N SER A 362 -26.38 0.69 -7.83
CA SER A 362 -25.15 -0.02 -7.53
C SER A 362 -24.19 0.88 -6.74
N GLY A 363 -23.98 2.11 -7.20
CA GLY A 363 -23.06 3.04 -6.56
C GLY A 363 -23.67 4.09 -5.64
N GLY A 364 -24.99 4.19 -5.64
CA GLY A 364 -25.72 5.17 -4.83
C GLY A 364 -25.78 4.87 -3.35
N SER A 365 -26.06 5.92 -2.56
CA SER A 365 -26.25 5.82 -1.12
C SER A 365 -27.70 5.36 -0.88
N HIS A 366 -28.00 5.06 0.38
CA HIS A 366 -29.30 4.62 0.89
C HIS A 366 -30.42 5.62 0.47
N ASP A 367 -30.18 6.93 0.67
CA ASP A 367 -31.12 8.02 0.38
C ASP A 367 -31.27 8.25 -1.11
N GLN A 368 -30.15 8.18 -1.87
CA GLN A 368 -30.14 8.36 -3.33
C GLN A 368 -31.02 7.32 -3.99
N ILE A 369 -30.98 6.06 -3.48
CA ILE A 369 -31.77 4.93 -3.98
C ILE A 369 -33.24 5.14 -3.60
N LYS A 370 -33.49 5.67 -2.40
CA LYS A 370 -34.85 6.00 -1.94
C LYS A 370 -35.43 7.12 -2.81
N TYR A 371 -34.56 8.02 -3.34
CA TYR A 371 -35.00 9.08 -4.24
C TYR A 371 -35.37 8.49 -5.60
N LEU A 372 -34.63 7.48 -6.10
CA LEU A 372 -34.97 6.82 -7.37
C LEU A 372 -36.33 6.11 -7.23
N VAL A 373 -36.57 5.47 -6.08
CA VAL A 373 -37.84 4.78 -5.80
C VAL A 373 -38.97 5.83 -5.71
N SER A 374 -38.76 6.97 -5.00
CA SER A 374 -39.78 8.03 -4.89
C SER A 374 -40.14 8.59 -6.29
N GLU A 375 -39.18 8.56 -7.22
CA GLU A 375 -39.40 8.99 -8.60
C GLU A 375 -40.08 7.87 -9.46
N GLY A 376 -40.48 6.78 -8.81
CA GLY A 376 -41.19 5.62 -9.37
C GLY A 376 -40.42 4.70 -10.30
N CYS A 377 -39.17 4.34 -9.96
CA CYS A 377 -38.34 3.49 -10.83
C CYS A 377 -38.69 2.00 -10.73
N ILE A 378 -39.42 1.57 -9.67
CA ILE A 378 -39.75 0.15 -9.44
C ILE A 378 -40.63 -0.44 -10.57
N LYS A 379 -41.82 0.11 -10.85
CA LYS A 379 -42.71 -0.41 -11.90
C LYS A 379 -41.95 -0.56 -13.27
N PRO A 380 -41.34 0.49 -13.86
CA PRO A 380 -40.63 0.29 -15.15
C PRO A 380 -39.48 -0.72 -15.09
N LEU A 381 -38.76 -0.87 -13.95
CA LEU A 381 -37.71 -1.88 -13.76
C LEU A 381 -38.33 -3.28 -13.77
N CYS A 382 -39.49 -3.44 -13.12
CA CYS A 382 -40.24 -4.69 -13.04
C CYS A 382 -40.80 -5.05 -14.40
N ASP A 383 -41.37 -4.08 -15.13
CA ASP A 383 -42.00 -4.33 -16.42
C ASP A 383 -41.03 -4.96 -17.45
N LEU A 384 -39.72 -4.62 -17.39
CA LEU A 384 -38.68 -5.16 -18.28
C LEU A 384 -38.19 -6.58 -17.94
N LEU A 385 -38.65 -7.18 -16.83
CA LEU A 385 -38.24 -8.53 -16.45
C LEU A 385 -38.73 -9.60 -17.46
N ILE A 386 -39.68 -9.24 -18.34
CA ILE A 386 -40.24 -10.14 -19.36
C ILE A 386 -39.66 -9.82 -20.76
N CYS A 387 -38.75 -8.83 -20.88
CA CYS A 387 -38.14 -8.46 -22.17
C CYS A 387 -37.24 -9.61 -22.71
N PRO A 388 -37.11 -9.79 -24.04
CA PRO A 388 -36.35 -10.93 -24.55
C PRO A 388 -34.81 -10.74 -24.57
N ASP A 389 -34.29 -9.59 -24.08
CA ASP A 389 -32.85 -9.31 -23.99
C ASP A 389 -32.37 -9.76 -22.61
N ILE A 390 -31.62 -10.87 -22.56
CA ILE A 390 -31.16 -11.54 -21.35
C ILE A 390 -30.33 -10.64 -20.45
N ARG A 391 -29.47 -9.80 -21.03
CA ARG A 391 -28.60 -8.89 -20.27
C ARG A 391 -29.42 -7.84 -19.53
N ILE A 392 -30.49 -7.33 -20.16
CA ILE A 392 -31.36 -6.30 -19.58
C ILE A 392 -32.18 -6.90 -18.44
N VAL A 393 -32.62 -8.16 -18.59
CA VAL A 393 -33.34 -8.85 -17.50
C VAL A 393 -32.41 -8.84 -16.26
N THR A 394 -31.13 -9.22 -16.44
CA THR A 394 -30.16 -9.33 -15.35
C THR A 394 -29.81 -7.94 -14.79
N VAL A 395 -29.81 -6.89 -15.64
CA VAL A 395 -29.56 -5.49 -15.22
C VAL A 395 -30.72 -5.05 -14.33
N CYS A 396 -31.95 -5.39 -14.74
CA CYS A 396 -33.14 -5.03 -13.98
C CYS A 396 -33.22 -5.82 -12.69
N LEU A 397 -32.84 -7.12 -12.69
CA LEU A 397 -32.84 -7.93 -11.46
C LEU A 397 -31.84 -7.42 -10.42
N GLU A 398 -30.66 -6.94 -10.86
CA GLU A 398 -29.62 -6.43 -9.95
C GLU A 398 -30.01 -5.08 -9.37
N GLY A 399 -30.67 -4.25 -10.17
CA GLY A 399 -31.16 -2.93 -9.77
C GLY A 399 -32.22 -3.06 -8.69
N LEU A 400 -33.12 -4.05 -8.86
CA LEU A 400 -34.20 -4.36 -7.93
C LEU A 400 -33.67 -4.99 -6.65
N GLU A 401 -32.59 -5.78 -6.73
CA GLU A 401 -31.96 -6.43 -5.58
C GLU A 401 -31.31 -5.37 -4.68
N ASN A 402 -30.60 -4.39 -5.29
CA ASN A 402 -29.97 -3.27 -4.59
C ASN A 402 -31.02 -2.37 -3.92
N ILE A 403 -32.22 -2.26 -4.55
CA ILE A 403 -33.38 -1.52 -4.01
C ILE A 403 -33.93 -2.27 -2.78
N LEU A 404 -34.04 -3.61 -2.86
CA LEU A 404 -34.54 -4.45 -1.75
C LEU A 404 -33.64 -4.39 -0.51
N LYS A 405 -32.31 -4.24 -0.70
CA LYS A 405 -31.33 -4.14 0.39
C LYS A 405 -31.52 -2.84 1.20
N VAL A 406 -31.89 -1.74 0.53
CA VAL A 406 -32.15 -0.44 1.14
C VAL A 406 -33.42 -0.57 1.99
N GLY A 407 -34.46 -1.18 1.40
CA GLY A 407 -35.73 -1.44 2.06
C GLY A 407 -35.60 -2.37 3.25
N GLU A 408 -34.63 -3.30 3.21
CA GLU A 408 -34.36 -4.25 4.29
C GLU A 408 -33.66 -3.55 5.47
N THR A 409 -32.77 -2.59 5.17
CA THR A 409 -32.04 -1.78 6.14
C THR A 409 -33.02 -0.85 6.86
N ASP A 410 -34.04 -0.33 6.14
CA ASP A 410 -35.10 0.52 6.70
C ASP A 410 -35.97 -0.28 7.66
N LYS A 411 -36.23 -1.56 7.31
CA LYS A 411 -37.01 -2.51 8.09
C LYS A 411 -36.29 -2.84 9.42
N THR A 412 -34.94 -2.84 9.41
CA THR A 412 -34.11 -3.13 10.59
C THR A 412 -33.99 -1.89 11.49
N LEU A 413 -33.88 -0.68 10.90
CA LEU A 413 -33.75 0.59 11.62
C LEU A 413 -35.04 0.98 12.34
N ALA A 414 -36.20 0.81 11.67
CA ALA A 414 -37.52 1.16 12.21
C ALA A 414 -38.15 0.01 13.01
N ALA A 415 -37.49 -1.18 13.01
CA ALA A 415 -37.90 -2.44 13.64
C ALA A 415 -39.27 -2.91 13.10
N GLY A 416 -39.50 -2.63 11.82
CA GLY A 416 -40.71 -2.98 11.08
C GLY A 416 -40.86 -4.46 10.82
N ASP A 417 -42.08 -4.87 10.44
CA ASP A 417 -42.40 -6.27 10.15
C ASP A 417 -42.55 -6.50 8.64
N VAL A 418 -42.34 -5.46 7.82
CA VAL A 418 -42.48 -5.53 6.36
C VAL A 418 -41.44 -4.64 5.63
N ASN A 419 -40.88 -5.17 4.53
CA ASN A 419 -39.97 -4.45 3.64
C ASN A 419 -40.86 -3.68 2.66
N VAL A 420 -40.94 -2.34 2.81
CA VAL A 420 -41.79 -1.45 2.00
C VAL A 420 -41.59 -1.71 0.49
N PHE A 421 -40.33 -1.82 0.05
CA PHE A 421 -39.97 -2.02 -1.35
C PHE A 421 -40.32 -3.45 -1.83
N SER A 422 -40.52 -4.43 -0.90
CA SER A 422 -40.96 -5.79 -1.26
C SER A 422 -42.41 -5.74 -1.71
N GLN A 423 -43.23 -4.97 -0.98
CA GLN A 423 -44.65 -4.77 -1.25
C GLN A 423 -44.82 -3.95 -2.54
N MET A 424 -43.93 -2.96 -2.78
CA MET A 424 -43.94 -2.13 -3.99
C MET A 424 -43.61 -3.00 -5.23
N ILE A 425 -42.60 -3.90 -5.12
CA ILE A 425 -42.23 -4.82 -6.20
C ILE A 425 -43.41 -5.79 -6.45
N ASP A 426 -44.10 -6.21 -5.37
CA ASP A 426 -45.28 -7.09 -5.42
C ASP A 426 -46.46 -6.37 -6.11
N GLU A 427 -46.71 -5.09 -5.76
CA GLU A 427 -47.78 -4.25 -6.30
C GLU A 427 -47.59 -3.91 -7.77
N ALA A 428 -46.33 -3.88 -8.24
CA ALA A 428 -45.97 -3.55 -9.61
C ALA A 428 -46.02 -4.78 -10.56
N GLU A 429 -46.35 -5.98 -10.02
CA GLU A 429 -46.40 -7.29 -10.70
C GLU A 429 -44.96 -7.81 -10.94
N GLY A 430 -44.02 -7.32 -10.15
CA GLY A 430 -42.63 -7.74 -10.23
C GLY A 430 -42.40 -9.11 -9.61
N LEU A 431 -43.00 -9.34 -8.42
CA LEU A 431 -42.85 -10.60 -7.68
C LEU A 431 -43.27 -11.83 -8.53
N GLU A 432 -44.37 -11.72 -9.30
CA GLU A 432 -44.84 -12.81 -10.15
C GLU A 432 -43.86 -13.06 -11.31
N LYS A 433 -43.29 -11.98 -11.87
CA LYS A 433 -42.31 -12.05 -12.95
C LYS A 433 -41.02 -12.73 -12.48
N ILE A 434 -40.48 -12.34 -11.29
CA ILE A 434 -39.28 -12.93 -10.68
C ILE A 434 -39.52 -14.43 -10.43
N GLU A 435 -40.72 -14.81 -9.87
CA GLU A 435 -41.16 -16.19 -9.62
C GLU A 435 -41.15 -17.02 -10.91
N ASN A 436 -41.61 -16.41 -12.02
CA ASN A 436 -41.64 -17.03 -13.35
C ASN A 436 -40.22 -17.12 -13.96
N LEU A 437 -39.27 -16.24 -13.54
CA LEU A 437 -37.89 -16.24 -14.03
C LEU A 437 -37.10 -17.43 -13.50
N GLN A 438 -37.66 -18.18 -12.53
CA GLN A 438 -37.06 -19.41 -11.98
C GLN A 438 -37.15 -20.54 -13.00
N SER A 439 -38.07 -20.40 -13.98
CA SER A 439 -38.32 -21.35 -15.06
C SER A 439 -37.48 -20.98 -16.31
N HIS A 440 -36.55 -20.03 -16.16
CA HIS A 440 -35.74 -19.56 -17.29
C HIS A 440 -34.55 -20.48 -17.60
N ASP A 441 -34.17 -20.54 -18.89
CA ASP A 441 -33.06 -21.34 -19.41
C ASP A 441 -31.69 -20.72 -19.08
N ASN A 442 -31.62 -19.37 -19.02
CA ASN A 442 -30.36 -18.67 -18.71
C ASN A 442 -30.02 -18.81 -17.23
N ASN A 443 -28.82 -19.35 -16.94
CA ASN A 443 -28.33 -19.58 -15.58
C ASN A 443 -28.11 -18.29 -14.78
N GLU A 444 -27.68 -17.19 -15.45
CA GLU A 444 -27.50 -15.90 -14.78
C GLU A 444 -28.84 -15.39 -14.24
N ILE A 445 -29.89 -15.45 -15.07
CA ILE A 445 -31.25 -15.03 -14.71
C ILE A 445 -31.77 -15.91 -13.57
N TYR A 446 -31.67 -17.25 -13.74
CA TYR A 446 -32.15 -18.26 -12.80
C TYR A 446 -31.53 -18.10 -11.40
N GLU A 447 -30.19 -17.97 -11.32
CA GLU A 447 -29.51 -17.86 -10.04
C GLU A 447 -29.83 -16.53 -9.34
N LYS A 448 -30.04 -15.45 -10.12
CA LYS A 448 -30.40 -14.15 -9.57
C LYS A 448 -31.84 -14.19 -9.00
N ALA A 449 -32.79 -14.79 -9.75
CA ALA A 449 -34.20 -14.93 -9.35
C ALA A 449 -34.34 -15.69 -8.03
N VAL A 450 -33.62 -16.82 -7.87
CA VAL A 450 -33.62 -17.66 -6.67
C VAL A 450 -33.01 -16.88 -5.47
N LYS A 451 -31.87 -16.19 -5.68
CA LYS A 451 -31.18 -15.39 -4.67
C LYS A 451 -32.12 -14.30 -4.09
N ILE A 452 -32.89 -13.61 -4.96
CA ILE A 452 -33.81 -12.55 -4.56
C ILE A 452 -35.00 -13.15 -3.76
N LEU A 453 -35.60 -14.25 -4.24
CA LEU A 453 -36.76 -14.87 -3.59
C LEU A 453 -36.43 -15.48 -2.23
N GLU A 454 -35.25 -16.12 -2.09
CA GLU A 454 -34.80 -16.72 -0.83
C GLU A 454 -34.53 -15.65 0.25
N ALA A 455 -34.11 -14.44 -0.19
CA ALA A 455 -33.77 -13.33 0.69
C ALA A 455 -34.95 -12.45 1.12
N TYR A 456 -35.95 -12.23 0.25
CA TYR A 456 -37.04 -11.30 0.60
C TYR A 456 -38.45 -11.92 0.54
N TRP A 457 -38.59 -13.19 0.13
CA TRP A 457 -39.91 -13.86 0.05
C TRP A 457 -39.83 -15.34 0.47
N MET A 458 -39.07 -15.64 1.55
CA MET A 458 -38.91 -16.99 2.07
C MET A 458 -40.13 -17.44 2.87
N SER B 37 39.58 16.57 65.27
CA SER B 37 40.62 15.62 65.64
C SER B 37 40.95 14.69 64.47
N LEU B 38 41.90 15.10 63.66
CA LEU B 38 42.35 14.28 62.53
C LEU B 38 43.84 14.50 62.30
N PRO B 39 44.61 14.37 63.38
CA PRO B 39 46.05 14.63 63.35
C PRO B 39 46.50 15.66 62.31
N ALA B 40 47.80 15.64 62.00
CA ALA B 40 48.38 16.56 61.05
C ALA B 40 47.89 16.25 59.64
N MET B 41 46.99 15.27 59.54
CA MET B 41 46.36 14.97 58.26
C MET B 41 45.68 16.21 57.76
N ILE B 42 44.60 16.60 58.43
CA ILE B 42 43.92 17.85 58.11
C ILE B 42 44.96 18.94 57.92
N GLY B 43 45.82 19.12 58.92
CA GLY B 43 46.93 20.06 58.81
C GLY B 43 47.80 19.84 57.59
N GLY B 44 48.17 18.58 57.33
CA GLY B 44 48.98 18.17 56.19
C GLY B 44 48.27 18.41 54.87
N VAL B 45 46.97 18.06 54.84
CA VAL B 45 46.05 18.25 53.71
C VAL B 45 45.92 19.76 53.44
N TYR B 46 45.75 20.57 54.51
CA TYR B 46 45.60 22.03 54.42
C TYR B 46 46.95 22.79 54.41
N SER B 47 48.09 22.08 54.26
CA SER B 47 49.41 22.72 54.18
C SER B 47 49.73 23.14 52.73
N ASP B 48 50.96 23.63 52.49
CA ASP B 48 51.43 24.05 51.16
C ASP B 48 52.54 23.10 50.66
N ASP B 49 53.13 22.31 51.58
CA ASP B 49 54.21 21.37 51.29
C ASP B 49 53.64 20.12 50.60
N ASN B 50 54.23 19.76 49.45
CA ASN B 50 53.83 18.60 48.64
C ASN B 50 53.97 17.28 49.40
N ASN B 51 54.96 17.17 50.31
CA ASN B 51 55.20 15.96 51.10
C ASN B 51 54.09 15.73 52.14
N LEU B 52 53.72 16.78 52.91
CA LEU B 52 52.66 16.73 53.93
C LEU B 52 51.29 16.46 53.31
N GLN B 53 51.02 17.07 52.12
CA GLN B 53 49.76 16.89 51.38
C GLN B 53 49.54 15.42 51.01
N LEU B 54 50.59 14.76 50.46
CA LEU B 54 50.58 13.35 50.03
C LEU B 54 50.48 12.39 51.22
N GLU B 55 51.33 12.60 52.25
CA GLU B 55 51.41 11.77 53.48
C GLU B 55 50.04 11.67 54.18
N ALA B 56 49.36 12.82 54.32
CA ALA B 56 48.04 12.93 54.95
C ALA B 56 46.91 12.35 54.09
N THR B 57 46.94 12.51 52.75
CA THR B 57 45.87 12.00 51.86
C THR B 57 45.88 10.46 51.80
N THR B 58 47.09 9.84 51.83
CA THR B 58 47.30 8.39 51.81
C THR B 58 46.69 7.78 53.09
N GLN B 59 46.91 8.43 54.25
CA GLN B 59 46.35 8.04 55.54
C GLN B 59 44.81 8.03 55.48
N PHE B 60 44.21 9.09 54.87
CA PHE B 60 42.76 9.21 54.67
C PHE B 60 42.26 8.12 53.74
N ARG B 61 43.00 7.84 52.64
CA ARG B 61 42.69 6.80 51.66
C ARG B 61 42.62 5.44 52.36
N LYS B 62 43.67 5.09 53.16
CA LYS B 62 43.79 3.83 53.91
C LYS B 62 42.70 3.70 54.97
N LEU B 63 42.29 4.83 55.58
CA LEU B 63 41.22 4.91 56.57
C LEU B 63 39.86 4.58 55.93
N LEU B 64 39.66 4.99 54.67
CA LEU B 64 38.45 4.77 53.89
C LEU B 64 38.52 3.47 53.06
N SER B 65 39.70 2.82 53.01
CA SER B 65 39.94 1.60 52.25
C SER B 65 39.73 0.32 53.08
N ILE B 66 39.30 0.49 54.36
CA ILE B 66 39.01 -0.64 55.26
C ILE B 66 37.72 -1.34 54.78
N GLU B 67 37.67 -2.67 54.88
CA GLU B 67 36.53 -3.47 54.42
C GLU B 67 35.31 -3.34 55.35
N ARG B 68 35.53 -3.32 56.68
CA ARG B 68 34.45 -3.24 57.66
C ARG B 68 34.15 -1.80 58.08
N SER B 69 33.06 -1.24 57.52
CA SER B 69 32.47 0.08 57.74
C SER B 69 33.51 1.25 57.77
N PRO B 70 33.79 1.91 56.62
CA PRO B 70 34.76 3.03 56.64
C PRO B 70 34.14 4.30 57.23
N PRO B 71 34.92 5.16 57.95
CA PRO B 71 34.32 6.39 58.50
C PRO B 71 34.20 7.49 57.44
N ILE B 72 33.26 7.29 56.50
CA ILE B 72 32.98 8.17 55.36
C ILE B 72 32.47 9.54 55.83
N GLU B 73 31.39 9.57 56.65
CA GLU B 73 30.78 10.79 57.17
C GLU B 73 31.76 11.63 58.01
N GLU B 74 32.64 10.96 58.78
CA GLU B 74 33.64 11.63 59.63
C GLU B 74 34.73 12.30 58.79
N VAL B 75 35.12 11.70 57.65
CA VAL B 75 36.13 12.24 56.73
C VAL B 75 35.52 13.50 56.03
N ILE B 76 34.19 13.53 55.78
CA ILE B 76 33.50 14.69 55.19
C ILE B 76 33.54 15.88 56.16
N GLN B 77 33.12 15.64 57.44
CA GLN B 77 33.03 16.66 58.49
C GLN B 77 34.41 17.21 58.91
N SER B 78 35.51 16.49 58.58
CA SER B 78 36.88 16.95 58.84
C SER B 78 37.24 18.09 57.87
N GLY B 79 36.38 18.28 56.84
CA GLY B 79 36.44 19.32 55.82
C GLY B 79 37.45 19.11 54.72
N VAL B 80 37.85 17.86 54.48
CA VAL B 80 38.86 17.52 53.47
C VAL B 80 38.27 17.21 52.08
N VAL B 81 36.97 16.86 51.99
CA VAL B 81 36.31 16.57 50.69
C VAL B 81 36.58 17.72 49.67
N PRO B 82 36.37 19.03 49.99
CA PRO B 82 36.68 20.06 48.98
C PRO B 82 38.18 20.14 48.67
N ARG B 83 39.04 19.84 49.65
CA ARG B 83 40.50 19.87 49.49
C ARG B 83 40.98 18.72 48.59
N PHE B 84 40.34 17.54 48.73
CA PHE B 84 40.61 16.32 47.94
C PHE B 84 40.21 16.54 46.48
N VAL B 85 39.18 17.36 46.24
CA VAL B 85 38.68 17.69 44.91
C VAL B 85 39.68 18.67 44.25
N GLN B 86 40.30 19.56 45.06
CA GLN B 86 41.35 20.48 44.60
C GLN B 86 42.61 19.70 44.23
N PHE B 87 42.89 18.61 44.99
CA PHE B 87 44.03 17.71 44.78
C PHE B 87 43.92 16.93 43.44
N LEU B 88 42.70 16.79 42.88
CA LEU B 88 42.46 16.11 41.60
C LEU B 88 43.00 16.93 40.42
N THR B 89 43.07 18.27 40.57
CA THR B 89 43.53 19.19 39.52
C THR B 89 45.07 19.34 39.49
N ARG B 90 45.79 18.70 40.44
CA ARG B 90 47.26 18.74 40.53
C ARG B 90 47.89 17.75 39.53
N GLU B 91 47.90 18.12 38.23
CA GLU B 91 48.44 17.32 37.12
C GLU B 91 49.94 17.03 37.25
N ASP B 92 50.68 17.88 37.99
CA ASP B 92 52.11 17.73 38.23
C ASP B 92 52.39 16.63 39.27
N PHE B 93 51.43 16.36 40.17
CA PHE B 93 51.54 15.36 41.24
C PHE B 93 50.51 14.24 41.02
N PRO B 94 50.82 13.25 40.16
CA PRO B 94 49.83 12.17 39.87
C PRO B 94 49.59 11.24 41.06
N GLN B 95 50.60 11.12 41.95
CA GLN B 95 50.54 10.30 43.14
C GLN B 95 49.40 10.82 44.04
N LEU B 96 49.41 12.14 44.34
CA LEU B 96 48.39 12.83 45.15
C LEU B 96 47.01 12.77 44.46
N GLN B 97 46.98 12.93 43.12
CA GLN B 97 45.76 12.84 42.32
C GLN B 97 45.07 11.52 42.57
N PHE B 98 45.84 10.39 42.51
CA PHE B 98 45.40 9.00 42.69
C PHE B 98 44.85 8.76 44.08
N GLU B 99 45.59 9.21 45.12
CA GLU B 99 45.19 9.08 46.53
C GLU B 99 43.88 9.82 46.77
N ALA B 100 43.81 11.09 46.32
CA ALA B 100 42.60 11.92 46.42
C ALA B 100 41.40 11.24 45.73
N ALA B 101 41.60 10.78 44.47
CA ALA B 101 40.59 10.08 43.67
C ALA B 101 40.09 8.83 44.38
N TRP B 102 41.02 8.01 44.94
CA TRP B 102 40.71 6.80 45.71
C TRP B 102 39.84 7.15 46.93
N ALA B 103 40.29 8.13 47.76
CA ALA B 103 39.58 8.57 48.96
C ALA B 103 38.17 9.08 48.59
N LEU B 104 38.08 9.92 47.53
CA LEU B 104 36.82 10.48 47.02
C LEU B 104 35.90 9.38 46.51
N THR B 105 36.45 8.36 45.82
CA THR B 105 35.64 7.23 45.32
C THR B 105 35.01 6.47 46.51
N ASN B 106 35.82 6.21 47.56
CA ASN B 106 35.36 5.53 48.76
C ASN B 106 34.35 6.39 49.52
N ILE B 107 34.45 7.74 49.39
CA ILE B 107 33.47 8.67 49.97
C ILE B 107 32.17 8.53 49.13
N ALA B 108 32.30 8.47 47.79
CA ALA B 108 31.18 8.30 46.83
C ALA B 108 30.59 6.86 46.86
N SER B 109 31.28 5.91 47.54
CA SER B 109 30.84 4.53 47.67
C SER B 109 29.80 4.36 48.80
N GLY B 110 29.66 5.38 49.64
CA GLY B 110 28.77 5.39 50.79
C GLY B 110 27.30 5.61 50.46
N THR B 111 26.60 6.31 51.37
CA THR B 111 25.17 6.62 51.26
C THR B 111 24.90 7.61 50.14
N SER B 112 23.59 7.84 49.85
CA SER B 112 23.14 8.80 48.84
C SER B 112 23.65 10.21 49.22
N GLU B 113 23.56 10.57 50.52
CA GLU B 113 23.99 11.85 51.07
C GLU B 113 25.49 12.07 50.84
N ASN B 114 26.31 11.02 50.99
CA ASN B 114 27.77 11.10 50.79
C ASN B 114 28.12 11.38 49.33
N THR B 115 27.45 10.70 48.37
CA THR B 115 27.64 10.85 46.93
C THR B 115 27.27 12.29 46.52
N LYS B 116 26.14 12.83 47.06
CA LYS B 116 25.65 14.19 46.81
C LYS B 116 26.71 15.24 47.17
N VAL B 117 27.43 15.04 48.29
CA VAL B 117 28.50 15.93 48.78
C VAL B 117 29.68 15.96 47.77
N VAL B 118 30.01 14.80 47.17
CA VAL B 118 31.07 14.68 46.18
C VAL B 118 30.63 15.45 44.91
N ILE B 119 29.34 15.31 44.53
CA ILE B 119 28.76 16.01 43.37
C ILE B 119 28.74 17.53 43.64
N ASP B 120 28.30 17.96 44.86
CA ASP B 120 28.22 19.38 45.27
C ASP B 120 29.58 20.10 45.19
N HIS B 121 30.69 19.36 45.37
CA HIS B 121 32.00 19.98 45.29
C HIS B 121 32.60 19.88 43.86
N GLY B 122 31.74 19.71 42.84
CA GLY B 122 32.10 19.67 41.43
C GLY B 122 33.12 18.61 41.02
N ALA B 123 33.10 17.44 41.69
CA ALA B 123 34.04 16.36 41.39
C ALA B 123 33.73 15.65 40.07
N VAL B 124 32.44 15.56 39.68
CA VAL B 124 32.02 14.85 38.44
C VAL B 124 32.75 15.40 37.17
N PRO B 125 32.74 16.70 36.78
CA PRO B 125 33.49 17.12 35.58
C PRO B 125 35.02 16.93 35.70
N ILE B 126 35.58 16.99 36.92
CA ILE B 126 37.02 16.80 37.12
C ILE B 126 37.40 15.32 36.88
N PHE B 127 36.56 14.37 37.34
CA PHE B 127 36.83 12.95 37.07
C PHE B 127 36.71 12.66 35.57
N VAL B 128 35.81 13.37 34.84
CA VAL B 128 35.68 13.22 33.39
C VAL B 128 37.00 13.70 32.72
N LYS B 129 37.58 14.81 33.22
CA LYS B 129 38.85 15.34 32.72
C LYS B 129 40.00 14.33 33.03
N LEU B 130 39.98 13.69 34.22
CA LEU B 130 40.99 12.71 34.63
C LEU B 130 40.97 11.43 33.74
N LEU B 131 39.94 11.26 32.87
CA LEU B 131 39.87 10.13 31.93
C LEU B 131 40.88 10.34 30.77
N GLY B 132 41.48 11.53 30.69
CA GLY B 132 42.49 11.86 29.68
C GLY B 132 43.88 12.00 30.28
N SER B 133 44.05 11.58 31.56
CA SER B 133 45.32 11.67 32.28
C SER B 133 46.40 10.75 31.66
N SER B 134 47.68 11.15 31.82
CA SER B 134 48.82 10.39 31.31
C SER B 134 49.09 9.16 32.20
N SER B 135 48.62 9.21 33.46
CA SER B 135 48.73 8.14 34.46
C SER B 135 47.59 7.13 34.29
N ASP B 136 47.92 5.84 34.13
CA ASP B 136 46.90 4.78 33.99
C ASP B 136 46.18 4.54 35.31
N ASP B 137 46.90 4.71 36.44
CA ASP B 137 46.40 4.57 37.81
C ASP B 137 45.28 5.57 38.08
N VAL B 138 45.50 6.86 37.69
CA VAL B 138 44.53 7.96 37.85
C VAL B 138 43.31 7.73 36.93
N ARG B 139 43.53 7.38 35.65
CA ARG B 139 42.46 7.10 34.68
C ARG B 139 41.54 5.99 35.17
N GLU B 140 42.14 4.93 35.76
CA GLU B 140 41.41 3.79 36.30
C GLU B 140 40.56 4.19 37.49
N GLN B 141 41.12 5.02 38.39
CA GLN B 141 40.47 5.57 39.57
C GLN B 141 39.31 6.49 39.14
N ALA B 142 39.52 7.32 38.09
CA ALA B 142 38.49 8.20 37.52
C ALA B 142 37.31 7.39 37.02
N VAL B 143 37.58 6.20 36.41
CA VAL B 143 36.57 5.29 35.88
C VAL B 143 35.73 4.73 37.05
N TRP B 144 36.37 4.14 38.09
CA TRP B 144 35.68 3.57 39.25
C TRP B 144 34.88 4.65 40.01
N ALA B 145 35.41 5.91 40.08
CA ALA B 145 34.74 7.06 40.71
C ALA B 145 33.43 7.40 39.99
N LEU B 146 33.44 7.42 38.66
CA LEU B 146 32.29 7.76 37.84
C LEU B 146 31.23 6.66 37.89
N GLY B 147 31.65 5.40 37.92
CA GLY B 147 30.76 4.25 38.06
C GLY B 147 30.04 4.23 39.39
N ASN B 148 30.72 4.68 40.47
CA ASN B 148 30.16 4.77 41.82
C ASN B 148 29.13 5.88 41.91
N VAL B 149 29.47 7.05 41.33
CA VAL B 149 28.56 8.18 41.32
C VAL B 149 27.33 7.81 40.46
N ALA B 150 27.55 7.26 39.24
CA ALA B 150 26.48 6.87 38.32
C ALA B 150 25.57 5.78 38.91
N GLY B 151 26.14 4.87 39.70
CA GLY B 151 25.40 3.79 40.33
C GLY B 151 24.49 4.19 41.47
N ASP B 152 24.62 5.44 41.99
CA ASP B 152 23.84 5.92 43.13
C ASP B 152 22.34 5.99 42.85
N SER B 153 21.94 6.65 41.74
CA SER B 153 20.53 6.80 41.35
C SER B 153 20.43 7.15 39.87
N PRO B 154 19.23 7.06 39.22
CA PRO B 154 19.11 7.46 37.79
C PRO B 154 19.49 8.94 37.56
N LYS B 155 19.25 9.80 38.55
CA LYS B 155 19.57 11.22 38.50
C LYS B 155 21.08 11.41 38.45
N CYS B 156 21.85 10.69 39.32
CA CYS B 156 23.31 10.75 39.34
C CYS B 156 23.91 10.18 38.07
N ARG B 157 23.29 9.11 37.53
CA ARG B 157 23.72 8.51 36.28
C ARG B 157 23.54 9.53 35.13
N ASP B 158 22.42 10.23 35.10
CA ASP B 158 22.16 11.26 34.08
C ASP B 158 23.13 12.46 34.20
N LEU B 159 23.57 12.81 35.41
CA LEU B 159 24.53 13.91 35.58
C LEU B 159 25.91 13.53 35.03
N VAL B 160 26.33 12.28 35.28
CA VAL B 160 27.61 11.75 34.79
C VAL B 160 27.57 11.73 33.25
N LEU B 161 26.46 11.22 32.70
CA LEU B 161 26.26 11.18 31.25
C LEU B 161 26.20 12.61 30.66
N ALA B 162 25.57 13.58 31.37
CA ALA B 162 25.44 14.97 30.92
C ALA B 162 26.81 15.69 30.94
N ASN B 163 27.74 15.28 31.82
CA ASN B 163 29.09 15.86 31.88
C ASN B 163 30.02 15.23 30.85
N GLY B 164 29.45 14.42 29.94
CA GLY B 164 30.12 13.76 28.83
C GLY B 164 31.19 12.77 29.26
N ALA B 165 30.83 11.84 30.13
CA ALA B 165 31.79 10.83 30.60
C ALA B 165 31.92 9.68 29.63
N LEU B 166 30.86 9.38 28.83
CA LEU B 166 30.82 8.22 27.94
C LEU B 166 31.94 8.22 26.89
N LEU B 167 32.02 9.27 26.04
CA LEU B 167 33.02 9.28 24.96
C LEU B 167 34.48 9.22 25.47
N PRO B 168 34.95 10.02 26.46
CA PRO B 168 36.34 9.85 26.93
C PRO B 168 36.59 8.49 27.59
N LEU B 169 35.54 7.88 28.22
CA LEU B 169 35.65 6.56 28.83
C LEU B 169 35.99 5.51 27.75
N LEU B 170 35.31 5.57 26.59
CA LEU B 170 35.52 4.67 25.45
C LEU B 170 36.82 4.95 24.70
N ALA B 171 37.26 6.23 24.60
CA ALA B 171 38.49 6.64 23.91
C ALA B 171 39.76 6.02 24.51
N GLN B 172 39.79 5.77 25.83
CA GLN B 172 40.96 5.18 26.49
C GLN B 172 40.90 3.63 26.49
N LEU B 173 39.93 3.04 25.78
CA LEU B 173 39.79 1.58 25.63
C LEU B 173 40.27 1.16 24.23
N ASN B 174 41.18 0.17 24.16
CA ASN B 174 41.76 -0.36 22.91
C ASN B 174 42.44 -1.74 23.11
N GLU B 175 43.24 -2.19 22.11
CA GLU B 175 43.98 -3.46 22.03
C GLU B 175 44.97 -3.69 23.18
N HIS B 176 45.52 -2.62 23.74
CA HIS B 176 46.53 -2.70 24.80
C HIS B 176 45.97 -2.35 26.19
N THR B 177 44.64 -2.33 26.36
CA THR B 177 44.03 -2.04 27.66
C THR B 177 44.18 -3.28 28.59
N LYS B 178 44.75 -3.05 29.79
CA LYS B 178 44.99 -4.11 30.78
C LYS B 178 43.65 -4.59 31.38
N LEU B 179 43.59 -5.85 31.85
CA LEU B 179 42.39 -6.47 32.41
C LEU B 179 41.76 -5.63 33.55
N SER B 180 42.58 -5.06 34.48
CA SER B 180 42.07 -4.25 35.58
C SER B 180 41.19 -3.09 35.07
N MET B 181 41.65 -2.38 34.01
CA MET B 181 40.91 -1.30 33.39
C MET B 181 39.73 -1.86 32.60
N LEU B 182 39.91 -2.99 31.89
CA LEU B 182 38.78 -3.60 31.15
C LEU B 182 37.62 -3.91 32.13
N ARG B 183 37.95 -4.40 33.33
CA ARG B 183 36.99 -4.73 34.39
C ARG B 183 36.26 -3.49 34.94
N ASN B 184 37.01 -2.42 35.26
CA ASN B 184 36.46 -1.18 35.79
C ASN B 184 35.60 -0.45 34.76
N ALA B 185 36.05 -0.42 33.48
CA ALA B 185 35.32 0.26 32.41
C ALA B 185 34.01 -0.44 32.10
N THR B 186 34.00 -1.78 32.05
CA THR B 186 32.78 -2.58 31.77
C THR B 186 31.75 -2.39 32.90
N TRP B 187 32.18 -2.40 34.18
CA TRP B 187 31.33 -2.19 35.35
C TRP B 187 30.69 -0.79 35.31
N THR B 188 31.51 0.24 35.05
CA THR B 188 31.10 1.63 34.94
C THR B 188 30.08 1.77 33.79
N LEU B 189 30.34 1.12 32.61
CA LEU B 189 29.43 1.15 31.46
C LEU B 189 28.08 0.57 31.82
N SER B 190 28.08 -0.52 32.62
CA SER B 190 26.89 -1.19 33.12
C SER B 190 26.06 -0.23 34.03
N ASN B 191 26.74 0.59 34.85
CA ASN B 191 26.10 1.55 35.74
C ASN B 191 25.52 2.74 34.96
N PHE B 192 26.06 3.03 33.76
CA PHE B 192 25.58 4.10 32.89
C PHE B 192 24.27 3.69 32.21
N CYS B 193 24.07 2.36 32.00
CA CYS B 193 22.90 1.77 31.34
C CYS B 193 21.79 1.34 32.33
N ARG B 194 22.15 1.08 33.60
CA ARG B 194 21.28 0.60 34.69
C ARG B 194 20.25 1.66 35.12
N GLY B 195 19.19 1.18 35.79
CA GLY B 195 18.17 2.03 36.40
C GLY B 195 16.93 2.31 35.60
N LYS B 196 15.84 2.60 36.34
CA LYS B 196 14.52 2.95 35.80
C LYS B 196 14.11 4.29 36.38
N PRO B 197 13.71 5.31 35.56
CA PRO B 197 13.62 5.33 34.09
C PRO B 197 14.99 5.12 33.44
N GLN B 198 14.99 4.37 32.32
CA GLN B 198 16.19 4.05 31.55
C GLN B 198 16.85 5.31 31.00
N PRO B 199 18.20 5.35 30.82
CA PRO B 199 18.80 6.56 30.23
C PRO B 199 18.39 6.71 28.77
N SER B 200 18.60 7.90 28.18
CA SER B 200 18.27 8.10 26.77
C SER B 200 19.06 7.13 25.90
N PHE B 201 18.42 6.58 24.88
CA PHE B 201 19.08 5.62 24.01
C PHE B 201 20.18 6.31 23.20
N GLU B 202 19.98 7.59 22.85
CA GLU B 202 20.98 8.37 22.12
C GLU B 202 22.18 8.65 23.03
N GLN B 203 21.96 8.77 24.36
CA GLN B 203 23.04 8.97 25.31
C GLN B 203 23.93 7.72 25.45
N THR B 204 23.34 6.50 25.45
CA THR B 204 24.05 5.24 25.67
C THR B 204 24.40 4.49 24.37
N ARG B 205 23.87 4.94 23.21
CA ARG B 205 24.12 4.36 21.89
C ARG B 205 25.63 4.17 21.61
N PRO B 206 26.56 5.13 21.91
CA PRO B 206 27.98 4.90 21.61
C PRO B 206 28.63 3.72 22.36
N ALA B 207 28.01 3.22 23.44
CA ALA B 207 28.55 2.10 24.22
C ALA B 207 28.33 0.73 23.54
N LEU B 208 27.40 0.63 22.56
CA LEU B 208 27.06 -0.63 21.86
C LEU B 208 28.23 -1.29 21.12
N PRO B 209 29.08 -0.61 20.29
CA PRO B 209 30.19 -1.33 19.66
C PRO B 209 31.19 -1.85 20.69
N ALA B 210 31.44 -1.07 21.77
CA ALA B 210 32.40 -1.46 22.81
C ALA B 210 31.92 -2.71 23.54
N LEU B 211 30.66 -2.74 24.00
CA LEU B 211 30.04 -3.90 24.67
C LEU B 211 30.07 -5.15 23.76
N ALA B 212 29.77 -4.99 22.45
CA ALA B 212 29.81 -6.06 21.43
C ALA B 212 31.17 -6.73 21.40
N ARG B 213 32.26 -5.94 21.47
CA ARG B 213 33.62 -6.45 21.52
C ARG B 213 33.92 -7.06 22.90
N LEU B 214 33.52 -6.35 23.98
CA LEU B 214 33.76 -6.79 25.36
C LEU B 214 33.10 -8.17 25.72
N ILE B 215 32.00 -8.58 25.07
CA ILE B 215 31.38 -9.88 25.36
C ILE B 215 32.22 -11.06 24.78
N HIS B 216 33.28 -10.77 24.02
CA HIS B 216 34.14 -11.79 23.43
C HIS B 216 35.29 -12.13 24.35
N SER B 217 35.31 -11.50 25.53
CA SER B 217 36.30 -11.75 26.57
C SER B 217 36.01 -13.12 27.21
N ASN B 218 37.03 -13.71 27.86
CA ASN B 218 36.88 -14.97 28.58
C ASN B 218 36.79 -14.69 30.09
N ASP B 219 37.06 -13.42 30.50
CA ASP B 219 37.02 -12.95 31.89
C ASP B 219 35.58 -12.86 32.41
N GLU B 220 35.29 -13.66 33.45
CA GLU B 220 34.00 -13.79 34.12
C GLU B 220 33.41 -12.45 34.60
N GLU B 221 34.26 -11.52 35.05
CA GLU B 221 33.81 -10.20 35.55
C GLU B 221 33.38 -9.30 34.39
N VAL B 222 34.20 -9.21 33.33
CA VAL B 222 33.92 -8.43 32.10
C VAL B 222 32.64 -8.99 31.43
N LEU B 223 32.51 -10.31 31.37
CA LEU B 223 31.37 -11.01 30.78
C LEU B 223 30.07 -10.70 31.51
N THR B 224 30.11 -10.67 32.85
CA THR B 224 28.96 -10.37 33.71
C THR B 224 28.47 -8.94 33.46
N ASP B 225 29.37 -7.97 33.61
CA ASP B 225 29.11 -6.54 33.49
C ASP B 225 28.68 -6.15 32.09
N ALA B 226 29.27 -6.79 31.05
CA ALA B 226 28.92 -6.51 29.65
C ALA B 226 27.50 -6.95 29.32
N CYS B 227 27.12 -8.18 29.76
CA CYS B 227 25.81 -8.76 29.53
C CYS B 227 24.72 -8.02 30.28
N TRP B 228 24.99 -7.57 31.54
CA TRP B 228 24.04 -6.76 32.30
C TRP B 228 23.79 -5.46 31.51
N ALA B 229 24.87 -4.81 31.01
CA ALA B 229 24.76 -3.57 30.25
C ALA B 229 23.89 -3.76 28.99
N LEU B 230 24.03 -4.87 28.28
CA LEU B 230 23.24 -5.18 27.09
C LEU B 230 21.79 -5.56 27.47
N SER B 231 21.57 -6.14 28.68
CA SER B 231 20.21 -6.51 29.12
C SER B 231 19.38 -5.25 29.39
N TYR B 232 20.06 -4.15 29.79
CA TYR B 232 19.41 -2.85 30.04
C TYR B 232 19.10 -2.16 28.71
N LEU B 233 20.08 -2.15 27.81
CA LEU B 233 19.99 -1.54 26.47
C LEU B 233 18.97 -2.24 25.56
N SER B 234 18.80 -3.56 25.70
CA SER B 234 17.88 -4.34 24.86
C SER B 234 16.44 -4.33 25.38
N ASP B 235 16.23 -3.83 26.61
CA ASP B 235 14.88 -3.76 27.19
C ASP B 235 14.22 -2.43 26.76
N GLY B 236 13.10 -2.56 26.07
CA GLY B 236 12.35 -1.41 25.56
C GLY B 236 11.71 -1.72 24.23
N THR B 237 11.49 -0.69 23.42
CA THR B 237 10.88 -0.80 22.09
C THR B 237 11.80 -1.57 21.12
N ASN B 238 11.24 -2.01 19.97
CA ASN B 238 11.97 -2.81 18.99
C ASN B 238 13.06 -2.02 18.26
N ASP B 239 12.98 -0.68 18.23
CA ASP B 239 14.04 0.14 17.61
C ASP B 239 15.34 0.03 18.42
N LYS B 240 15.24 -0.19 19.75
CA LYS B 240 16.39 -0.38 20.61
C LYS B 240 16.99 -1.78 20.36
N ILE B 241 16.14 -2.80 20.22
CA ILE B 241 16.52 -4.19 19.95
C ILE B 241 17.23 -4.24 18.61
N GLN B 242 16.80 -3.39 17.66
CA GLN B 242 17.39 -3.33 16.33
C GLN B 242 18.85 -2.88 16.39
N ALA B 243 19.16 -1.87 17.22
CA ALA B 243 20.53 -1.35 17.38
C ALA B 243 21.42 -2.36 18.10
N VAL B 244 20.80 -3.14 19.01
CA VAL B 244 21.49 -4.20 19.77
C VAL B 244 21.86 -5.33 18.79
N ILE B 245 20.93 -5.75 17.91
CA ILE B 245 21.20 -6.82 16.95
C ILE B 245 22.17 -6.34 15.83
N GLU B 246 22.12 -5.06 15.44
CA GLU B 246 23.01 -4.48 14.42
C GLU B 246 24.46 -4.34 14.92
N ALA B 247 24.65 -4.35 16.27
CA ALA B 247 25.97 -4.32 16.90
C ALA B 247 26.70 -5.69 16.71
N GLY B 248 25.94 -6.74 16.40
CA GLY B 248 26.42 -8.09 16.10
C GLY B 248 26.61 -9.04 17.26
N VAL B 249 25.91 -8.80 18.36
CA VAL B 249 26.00 -9.54 19.64
C VAL B 249 25.26 -10.89 19.69
N CYS B 250 24.26 -11.14 18.83
CA CYS B 250 23.44 -12.37 18.85
C CYS B 250 24.28 -13.68 18.86
N PRO B 251 25.29 -13.92 17.97
CA PRO B 251 26.03 -15.20 18.02
C PRO B 251 26.72 -15.48 19.35
N ARG B 252 27.40 -14.47 19.92
CA ARG B 252 28.15 -14.61 21.17
C ARG B 252 27.23 -14.71 22.37
N LEU B 253 26.10 -14.01 22.38
CA LEU B 253 25.17 -14.08 23.50
C LEU B 253 24.60 -15.48 23.65
N VAL B 254 24.40 -16.20 22.52
CA VAL B 254 23.87 -17.55 22.51
C VAL B 254 24.93 -18.48 23.11
N GLU B 255 26.23 -18.26 22.79
CA GLU B 255 27.33 -19.07 23.37
C GLU B 255 27.38 -18.89 24.88
N LEU B 256 27.07 -17.66 25.35
CA LEU B 256 27.11 -17.31 26.77
C LEU B 256 25.93 -17.93 27.54
N LEU B 257 24.92 -18.50 26.84
CA LEU B 257 23.81 -19.25 27.47
C LEU B 257 24.34 -20.58 28.04
N LEU B 258 25.51 -21.03 27.56
CA LEU B 258 26.17 -22.27 27.97
C LEU B 258 27.33 -22.03 28.96
N HIS B 259 27.52 -20.76 29.40
CA HIS B 259 28.55 -20.39 30.35
C HIS B 259 28.26 -21.09 31.66
N PRO B 260 29.25 -21.82 32.23
CA PRO B 260 29.02 -22.56 33.47
C PRO B 260 28.75 -21.69 34.69
N SER B 261 29.13 -20.41 34.63
CA SER B 261 28.95 -19.47 35.72
C SER B 261 27.58 -18.78 35.64
N PRO B 262 26.72 -18.92 36.68
CA PRO B 262 25.40 -18.23 36.65
C PRO B 262 25.53 -16.71 36.63
N SER B 263 26.70 -16.14 37.04
CA SER B 263 26.94 -14.68 36.99
C SER B 263 26.92 -14.17 35.54
N VAL B 264 27.34 -15.02 34.59
CA VAL B 264 27.40 -14.72 33.15
C VAL B 264 26.07 -15.17 32.50
N LEU B 265 25.62 -16.42 32.79
CA LEU B 265 24.40 -16.99 32.22
C LEU B 265 23.15 -16.09 32.44
N ILE B 266 22.87 -15.65 33.69
CA ILE B 266 21.67 -14.86 34.04
C ILE B 266 21.54 -13.57 33.18
N PRO B 267 22.51 -12.61 33.11
CA PRO B 267 22.31 -11.43 32.26
C PRO B 267 22.33 -11.76 30.76
N ALA B 268 23.07 -12.79 30.33
CA ALA B 268 23.09 -13.14 28.90
C ALA B 268 21.73 -13.74 28.51
N LEU B 269 21.13 -14.58 29.40
CA LEU B 269 19.78 -15.12 29.20
C LEU B 269 18.75 -13.94 29.21
N ARG B 270 18.92 -12.96 30.14
CA ARG B 270 18.05 -11.78 30.26
C ARG B 270 18.02 -10.94 28.99
N THR B 271 19.19 -10.78 28.31
CA THR B 271 19.35 -10.04 27.05
C THR B 271 18.70 -10.81 25.89
N VAL B 272 19.02 -12.12 25.73
CA VAL B 272 18.48 -12.99 24.67
C VAL B 272 16.95 -12.91 24.77
N GLY B 273 16.44 -12.97 25.99
CA GLY B 273 15.03 -12.87 26.31
C GLY B 273 14.42 -11.57 25.82
N ASN B 274 15.13 -10.43 26.01
CA ASN B 274 14.66 -9.12 25.58
C ASN B 274 14.61 -9.00 24.06
N ILE B 275 15.61 -9.58 23.39
CA ILE B 275 15.69 -9.55 21.92
C ILE B 275 14.48 -10.25 21.27
N VAL B 276 14.10 -11.43 21.78
CA VAL B 276 12.99 -12.22 21.23
C VAL B 276 11.59 -11.65 21.60
N THR B 277 11.52 -10.54 22.38
CA THR B 277 10.26 -9.81 22.64
C THR B 277 9.92 -8.98 21.39
N GLY B 278 10.91 -8.83 20.50
CA GLY B 278 10.85 -8.08 19.25
C GLY B 278 10.02 -8.74 18.16
N ASP B 279 10.14 -8.25 16.93
CA ASP B 279 9.37 -8.80 15.80
C ASP B 279 9.94 -10.16 15.32
N ASP B 280 9.29 -10.78 14.32
CA ASP B 280 9.67 -12.09 13.77
C ASP B 280 11.10 -12.11 13.22
N ALA B 281 11.51 -11.04 12.53
CA ALA B 281 12.85 -10.91 11.94
C ALA B 281 13.92 -10.78 13.00
N GLN B 282 13.67 -9.96 14.04
CA GLN B 282 14.60 -9.77 15.15
C GLN B 282 14.76 -11.06 15.97
N THR B 283 13.63 -11.76 16.24
CA THR B 283 13.58 -13.04 16.96
C THR B 283 14.38 -14.11 16.17
N GLN B 284 14.27 -14.09 14.83
CA GLN B 284 14.99 -15.02 13.94
C GLN B 284 16.54 -14.92 14.09
N CYS B 285 17.09 -13.72 14.42
CA CYS B 285 18.54 -13.51 14.62
C CYS B 285 19.09 -14.36 15.79
N ILE B 286 18.21 -14.68 16.75
CA ILE B 286 18.58 -15.51 17.90
C ILE B 286 18.42 -16.98 17.52
N ILE B 287 17.31 -17.35 16.81
CA ILE B 287 17.02 -18.74 16.39
C ILE B 287 18.09 -19.26 15.44
N ASP B 288 18.58 -18.39 14.52
CA ASP B 288 19.59 -18.73 13.51
C ASP B 288 20.93 -19.19 14.15
N HIS B 289 21.19 -18.87 15.42
CA HIS B 289 22.45 -19.28 16.04
C HIS B 289 22.24 -20.40 17.08
N GLN B 290 21.29 -21.31 16.80
CA GLN B 290 20.97 -22.52 17.58
C GLN B 290 20.69 -22.20 19.05
N ALA B 291 19.94 -21.12 19.32
CA ALA B 291 19.57 -20.73 20.67
C ALA B 291 18.60 -21.70 21.30
N LEU B 292 17.69 -22.32 20.49
CA LEU B 292 16.68 -23.25 21.02
C LEU B 292 17.31 -24.48 21.66
N PRO B 293 18.27 -25.23 21.03
CA PRO B 293 18.92 -26.34 21.75
C PRO B 293 19.66 -25.88 23.02
N CYS B 294 20.20 -24.62 23.07
CA CYS B 294 20.85 -24.06 24.27
C CYS B 294 19.83 -23.86 25.39
N LEU B 295 18.69 -23.25 25.05
CA LEU B 295 17.60 -22.92 25.96
C LEU B 295 16.98 -24.17 26.56
N LEU B 296 16.92 -25.25 25.77
CA LEU B 296 16.38 -26.53 26.20
C LEU B 296 17.26 -27.14 27.29
N SER B 297 18.59 -27.04 27.15
CA SER B 297 19.56 -27.58 28.12
C SER B 297 19.42 -26.85 29.48
N LEU B 298 18.95 -25.61 29.48
CA LEU B 298 18.74 -24.89 30.74
C LEU B 298 17.50 -25.45 31.46
N LEU B 299 16.54 -26.02 30.70
CA LEU B 299 15.30 -26.61 31.23
C LEU B 299 15.52 -27.99 31.82
N THR B 300 16.45 -28.76 31.23
CA THR B 300 16.71 -30.14 31.62
C THR B 300 17.84 -30.26 32.63
N GLN B 301 18.77 -29.30 32.67
CA GLN B 301 19.85 -29.42 33.64
C GLN B 301 19.37 -28.82 34.99
N ASN B 302 19.97 -29.27 36.10
CA ASN B 302 19.54 -28.91 37.45
C ASN B 302 20.01 -27.49 37.85
N LEU B 303 19.27 -26.48 37.41
CA LEU B 303 19.57 -25.07 37.66
C LEU B 303 18.50 -24.42 38.52
N LYS B 304 18.77 -23.16 38.92
CA LYS B 304 17.88 -22.29 39.70
C LYS B 304 16.49 -22.17 39.07
N LYS B 305 15.45 -22.09 39.92
CA LYS B 305 14.06 -21.93 39.53
C LYS B 305 13.93 -20.67 38.68
N SER B 306 14.61 -19.57 39.08
CA SER B 306 14.62 -18.29 38.36
C SER B 306 15.22 -18.41 36.96
N ILE B 307 16.24 -19.27 36.76
CA ILE B 307 16.86 -19.46 35.43
C ILE B 307 15.89 -20.19 34.50
N LYS B 308 15.23 -21.27 34.99
CA LYS B 308 14.24 -22.03 34.22
C LYS B 308 13.01 -21.14 33.87
N LYS B 309 12.57 -20.31 34.84
CA LYS B 309 11.47 -19.34 34.70
C LYS B 309 11.77 -18.36 33.54
N GLU B 310 12.99 -17.79 33.50
CA GLU B 310 13.44 -16.87 32.46
C GLU B 310 13.53 -17.57 31.11
N ALA B 311 14.05 -18.82 31.08
CA ALA B 311 14.19 -19.60 29.85
C ALA B 311 12.81 -19.94 29.23
N CYS B 312 11.79 -20.28 30.07
CA CYS B 312 10.40 -20.54 29.63
C CYS B 312 9.77 -19.26 29.07
N TRP B 313 10.01 -18.12 29.74
CA TRP B 313 9.53 -16.80 29.32
C TRP B 313 10.14 -16.43 27.93
N THR B 314 11.44 -16.73 27.71
CA THR B 314 12.14 -16.53 26.44
C THR B 314 11.51 -17.43 25.33
N ILE B 315 11.35 -18.75 25.59
CA ILE B 315 10.75 -19.70 24.63
C ILE B 315 9.29 -19.23 24.33
N SER B 316 8.52 -18.79 25.34
CA SER B 316 7.16 -18.27 25.16
C SER B 316 7.13 -17.08 24.18
N ASN B 317 8.23 -16.29 24.10
CA ASN B 317 8.23 -15.18 23.15
C ASN B 317 8.60 -15.67 21.76
N ILE B 318 9.17 -16.88 21.65
CA ILE B 318 9.51 -17.49 20.37
C ILE B 318 8.25 -18.20 19.87
N THR B 319 7.53 -18.94 20.75
CA THR B 319 6.28 -19.61 20.37
C THR B 319 5.18 -18.55 20.03
N ALA B 320 5.44 -17.24 20.34
CA ALA B 320 4.59 -16.11 20.01
C ALA B 320 4.90 -15.61 18.58
N GLY B 321 5.88 -16.28 17.94
CA GLY B 321 6.34 -15.97 16.59
C GLY B 321 5.55 -16.64 15.50
N ASN B 322 6.12 -16.67 14.28
CA ASN B 322 5.46 -17.25 13.10
C ASN B 322 5.49 -18.82 13.14
N LYS B 323 5.00 -19.48 12.07
CA LYS B 323 4.88 -20.94 11.97
C LYS B 323 6.22 -21.65 11.91
N ASP B 324 7.20 -21.03 11.23
CA ASP B 324 8.56 -21.54 11.08
C ASP B 324 9.31 -21.43 12.39
N GLN B 325 8.98 -20.41 13.20
CA GLN B 325 9.62 -20.18 14.50
C GLN B 325 9.11 -21.18 15.52
N ILE B 326 7.78 -21.50 15.47
CA ILE B 326 7.15 -22.53 16.31
C ILE B 326 7.70 -23.90 15.92
N GLN B 327 7.92 -24.13 14.59
CA GLN B 327 8.49 -25.37 14.06
C GLN B 327 9.92 -25.57 14.57
N ALA B 328 10.72 -24.50 14.71
CA ALA B 328 12.11 -24.60 15.21
C ALA B 328 12.13 -25.04 16.70
N VAL B 329 11.12 -24.63 17.49
CA VAL B 329 10.93 -24.98 18.91
C VAL B 329 10.62 -26.48 18.96
N ILE B 330 9.71 -26.94 18.04
CA ILE B 330 9.27 -28.32 17.92
C ILE B 330 10.47 -29.19 17.52
N ASN B 331 11.19 -28.77 16.47
CA ASN B 331 12.36 -29.45 15.93
C ASN B 331 13.44 -29.66 16.99
N ALA B 332 13.61 -28.69 17.90
CA ALA B 332 14.63 -28.74 18.96
C ALA B 332 14.32 -29.76 20.07
N GLY B 333 13.09 -30.29 20.09
CA GLY B 333 12.63 -31.23 21.11
C GLY B 333 12.27 -30.54 22.41
N ILE B 334 11.76 -29.29 22.36
CA ILE B 334 11.38 -28.50 23.54
C ILE B 334 9.97 -28.81 24.10
N ILE B 335 8.99 -29.19 23.26
CA ILE B 335 7.59 -29.41 23.71
C ILE B 335 7.47 -30.46 24.85
N GLY B 336 8.11 -31.62 24.69
CA GLY B 336 8.15 -32.69 25.70
C GLY B 336 8.55 -32.18 27.08
N PRO B 337 9.79 -31.63 27.24
CA PRO B 337 10.21 -31.09 28.54
C PRO B 337 9.36 -29.93 29.04
N LEU B 338 8.82 -29.13 28.12
CA LEU B 338 7.99 -27.96 28.41
C LEU B 338 6.65 -28.41 28.98
N VAL B 339 6.03 -29.47 28.43
CA VAL B 339 4.73 -30.00 28.91
C VAL B 339 4.90 -30.56 30.34
N ASN B 340 6.02 -31.28 30.60
CA ASN B 340 6.34 -31.84 31.91
C ASN B 340 6.45 -30.72 32.95
N LEU B 341 7.17 -29.60 32.64
CA LEU B 341 7.27 -28.44 33.54
C LEU B 341 5.88 -27.85 33.83
N LEU B 342 5.06 -27.69 32.78
CA LEU B 342 3.69 -27.16 32.86
C LEU B 342 2.83 -27.99 33.83
N GLN B 343 3.09 -29.30 33.89
CA GLN B 343 2.41 -30.28 34.73
C GLN B 343 3.02 -30.39 36.15
N THR B 344 4.38 -30.40 36.27
CA THR B 344 5.03 -30.69 37.56
C THR B 344 5.87 -29.57 38.22
N ALA B 345 6.39 -28.59 37.46
CA ALA B 345 7.32 -27.57 38.03
C ALA B 345 6.66 -26.62 39.04
N GLU B 346 7.51 -25.79 39.70
CA GLU B 346 7.07 -24.76 40.65
C GLU B 346 6.25 -23.72 39.87
N PHE B 347 5.15 -23.21 40.47
CA PHE B 347 4.16 -22.30 39.88
C PHE B 347 4.74 -21.21 38.96
N ASP B 348 5.82 -20.55 39.38
CA ASP B 348 6.49 -19.49 38.60
C ASP B 348 6.99 -19.99 37.25
N ILE B 349 7.41 -21.28 37.16
CA ILE B 349 7.84 -21.89 35.90
C ILE B 349 6.58 -22.30 35.13
N LYS B 350 5.61 -22.98 35.80
CA LYS B 350 4.32 -23.42 35.25
C LYS B 350 3.62 -22.27 34.49
N LYS B 351 3.54 -21.08 35.13
CA LYS B 351 2.99 -19.84 34.59
C LYS B 351 3.58 -19.52 33.21
N GLU B 352 4.93 -19.53 33.11
CA GLU B 352 5.60 -19.23 31.84
C GLU B 352 5.48 -20.41 30.85
N ALA B 353 5.47 -21.68 31.32
CA ALA B 353 5.26 -22.84 30.45
C ALA B 353 3.85 -22.83 29.82
N ALA B 354 2.85 -22.24 30.52
CA ALA B 354 1.47 -22.09 30.04
C ALA B 354 1.46 -21.11 28.89
N TRP B 355 2.18 -19.97 29.03
CA TRP B 355 2.31 -18.97 27.96
C TRP B 355 3.00 -19.55 26.75
N ALA B 356 4.05 -20.38 26.96
CA ALA B 356 4.83 -21.06 25.91
C ALA B 356 3.96 -21.95 25.03
N ILE B 357 3.27 -22.92 25.64
CA ILE B 357 2.33 -23.81 24.96
C ILE B 357 1.16 -23.03 24.31
N SER B 358 0.44 -22.17 25.07
CA SER B 358 -0.73 -21.44 24.54
C SER B 358 -0.38 -20.48 23.37
N ASN B 359 0.80 -19.82 23.40
CA ASN B 359 1.24 -18.95 22.30
C ASN B 359 1.44 -19.74 21.01
N ALA B 360 1.92 -21.02 21.15
CA ALA B 360 2.14 -21.90 20.00
C ALA B 360 0.80 -22.31 19.38
N THR B 361 -0.28 -22.46 20.19
CA THR B 361 -1.63 -22.80 19.70
C THR B 361 -2.24 -21.61 18.95
N SER B 362 -1.78 -20.39 19.27
CA SER B 362 -2.28 -19.17 18.66
C SER B 362 -1.70 -19.00 17.25
N GLY B 363 -0.39 -19.18 17.09
CA GLY B 363 0.29 -19.01 15.80
C GLY B 363 0.59 -20.27 15.01
N GLY B 364 0.40 -21.43 15.63
CA GLY B 364 0.68 -22.71 15.01
C GLY B 364 -0.31 -23.15 13.95
N SER B 365 0.12 -24.08 13.09
CA SER B 365 -0.72 -24.69 12.06
C SER B 365 -1.53 -25.82 12.72
N HIS B 366 -2.47 -26.41 11.99
CA HIS B 366 -3.32 -27.48 12.54
C HIS B 366 -2.49 -28.71 12.97
N ASP B 367 -1.46 -29.08 12.20
CA ASP B 367 -0.61 -30.22 12.51
C ASP B 367 0.28 -29.93 13.70
N GLN B 368 0.83 -28.70 13.78
CA GLN B 368 1.68 -28.25 14.89
C GLN B 368 0.93 -28.33 16.21
N ILE B 369 -0.36 -27.95 16.20
CA ILE B 369 -1.24 -27.97 17.37
C ILE B 369 -1.58 -29.43 17.72
N LYS B 370 -1.77 -30.28 16.70
CA LYS B 370 -2.01 -31.70 16.90
C LYS B 370 -0.77 -32.37 17.49
N TYR B 371 0.45 -31.82 17.19
CA TYR B 371 1.69 -32.32 17.76
C TYR B 371 1.77 -31.93 19.24
N LEU B 372 1.32 -30.72 19.61
CA LEU B 372 1.31 -30.29 21.03
C LEU B 372 0.36 -31.19 21.82
N VAL B 373 -0.81 -31.52 21.23
CA VAL B 373 -1.79 -32.41 21.86
C VAL B 373 -1.20 -33.82 22.01
N SER B 374 -0.54 -34.37 20.94
CA SER B 374 0.09 -35.70 21.00
C SER B 374 1.18 -35.74 22.10
N GLU B 375 1.83 -34.59 22.38
CA GLU B 375 2.81 -34.48 23.46
C GLU B 375 2.13 -34.30 24.86
N GLY B 376 0.81 -34.40 24.90
CA GLY B 376 -0.05 -34.34 26.09
C GLY B 376 -0.21 -32.99 26.77
N CYS B 377 -0.41 -31.91 26.01
CA CYS B 377 -0.53 -30.56 26.58
C CYS B 377 -1.92 -30.28 27.19
N ILE B 378 -2.96 -31.07 26.85
CA ILE B 378 -4.34 -30.86 27.32
C ILE B 378 -4.46 -30.99 28.86
N LYS B 379 -4.10 -32.14 29.47
CA LYS B 379 -4.22 -32.32 30.93
C LYS B 379 -3.52 -31.16 31.71
N PRO B 380 -2.19 -30.87 31.52
CA PRO B 380 -1.58 -29.76 32.28
C PRO B 380 -2.23 -28.38 32.03
N LEU B 381 -2.75 -28.11 30.82
CA LEU B 381 -3.47 -26.86 30.51
C LEU B 381 -4.77 -26.80 31.30
N CYS B 382 -5.49 -27.95 31.39
CA CYS B 382 -6.73 -28.09 32.12
C CYS B 382 -6.50 -27.97 33.61
N ASP B 383 -5.45 -28.62 34.14
CA ASP B 383 -5.15 -28.60 35.56
C ASP B 383 -4.96 -27.17 36.13
N LEU B 384 -4.42 -26.22 35.33
CA LEU B 384 -4.21 -24.82 35.71
C LEU B 384 -5.47 -23.93 35.70
N LEU B 385 -6.62 -24.44 35.23
CA LEU B 385 -7.87 -23.66 35.19
C LEU B 385 -8.38 -23.29 36.61
N ILE B 386 -7.84 -23.94 37.66
CA ILE B 386 -8.21 -23.70 39.04
C ILE B 386 -7.15 -22.86 39.77
N CYS B 387 -6.04 -22.46 39.08
CA CYS B 387 -4.96 -21.67 39.69
C CYS B 387 -5.48 -20.24 40.07
N PRO B 388 -4.94 -19.62 41.16
CA PRO B 388 -5.49 -18.33 41.59
C PRO B 388 -5.01 -17.10 40.78
N ASP B 389 -4.16 -17.30 39.73
CA ASP B 389 -3.67 -16.22 38.87
C ASP B 389 -4.63 -16.09 37.67
N ILE B 390 -5.43 -15.01 37.66
CA ILE B 390 -6.50 -14.74 36.69
C ILE B 390 -6.00 -14.71 35.25
N ARG B 391 -4.82 -14.13 35.00
CA ARG B 391 -4.26 -14.02 33.67
C ARG B 391 -3.90 -15.41 33.10
N ILE B 392 -3.39 -16.32 33.95
CA ILE B 392 -3.01 -17.67 33.56
C ILE B 392 -4.27 -18.50 33.26
N VAL B 393 -5.36 -18.27 34.01
CA VAL B 393 -6.63 -18.95 33.77
C VAL B 393 -7.11 -18.59 32.35
N THR B 394 -7.07 -17.30 32.01
CA THR B 394 -7.44 -16.77 30.69
C THR B 394 -6.48 -17.33 29.60
N VAL B 395 -5.17 -17.49 29.93
CA VAL B 395 -4.16 -17.99 28.98
C VAL B 395 -4.44 -19.43 28.64
N CYS B 396 -4.73 -20.23 29.67
CA CYS B 396 -5.03 -21.64 29.51
C CYS B 396 -6.36 -21.82 28.77
N LEU B 397 -7.37 -20.97 29.04
CA LEU B 397 -8.66 -21.04 28.34
C LEU B 397 -8.52 -20.76 26.82
N GLU B 398 -7.63 -19.82 26.42
CA GLU B 398 -7.42 -19.46 25.02
C GLU B 398 -6.66 -20.56 24.27
N GLY B 399 -5.69 -21.18 24.95
CA GLY B 399 -4.93 -22.28 24.37
C GLY B 399 -5.85 -23.45 24.08
N LEU B 400 -6.73 -23.76 25.05
CA LEU B 400 -7.69 -24.86 24.93
C LEU B 400 -8.74 -24.61 23.86
N GLU B 401 -9.13 -23.33 23.67
CA GLU B 401 -10.11 -22.92 22.66
C GLU B 401 -9.51 -23.11 21.26
N ASN B 402 -8.24 -22.71 21.07
CA ASN B 402 -7.49 -22.88 19.80
C ASN B 402 -7.29 -24.38 19.47
N ILE B 403 -7.15 -25.22 20.52
CA ILE B 403 -7.05 -26.67 20.41
C ILE B 403 -8.40 -27.25 19.95
N LEU B 404 -9.51 -26.77 20.54
CA LEU B 404 -10.86 -27.22 20.18
C LEU B 404 -11.24 -26.91 18.72
N LYS B 405 -10.72 -25.79 18.16
CA LYS B 405 -10.98 -25.36 16.78
C LYS B 405 -10.34 -26.34 15.77
N VAL B 406 -9.15 -26.88 16.12
CA VAL B 406 -8.42 -27.85 15.30
C VAL B 406 -9.22 -29.15 15.29
N GLY B 407 -9.65 -29.58 16.49
CA GLY B 407 -10.48 -30.77 16.67
C GLY B 407 -11.83 -30.69 15.98
N GLU B 408 -12.38 -29.46 15.86
CA GLU B 408 -13.67 -29.21 15.20
C GLU B 408 -13.51 -29.31 13.67
N THR B 409 -12.36 -28.85 13.14
CA THR B 409 -12.01 -28.90 11.72
C THR B 409 -11.81 -30.37 11.30
N ASP B 410 -11.22 -31.19 12.20
CA ASP B 410 -11.00 -32.63 11.98
C ASP B 410 -12.34 -33.36 11.93
N LYS B 411 -13.29 -32.93 12.77
CA LYS B 411 -14.67 -33.44 12.86
C LYS B 411 -15.44 -33.16 11.57
N THR B 412 -15.16 -32.02 10.90
CA THR B 412 -15.81 -31.59 9.66
C THR B 412 -15.18 -32.33 8.45
N LEU B 413 -13.85 -32.52 8.45
CA LEU B 413 -13.12 -33.19 7.37
C LEU B 413 -13.41 -34.69 7.29
N ALA B 414 -13.47 -35.37 8.46
CA ALA B 414 -13.72 -36.81 8.56
C ALA B 414 -15.22 -37.14 8.63
N ALA B 415 -16.09 -36.09 8.72
CA ALA B 415 -17.55 -36.13 8.85
C ALA B 415 -17.97 -36.91 10.12
N GLY B 416 -17.13 -36.78 11.16
CA GLY B 416 -17.32 -37.40 12.47
C GLY B 416 -18.47 -36.83 13.26
N ASP B 417 -18.88 -37.56 14.31
CA ASP B 417 -19.99 -37.16 15.18
C ASP B 417 -19.46 -36.66 16.54
N VAL B 418 -18.12 -36.64 16.73
CA VAL B 418 -17.48 -36.24 17.98
C VAL B 418 -16.16 -35.49 17.74
N ASN B 419 -15.92 -34.42 18.53
CA ASN B 419 -14.68 -33.64 18.53
C ASN B 419 -13.74 -34.38 19.49
N VAL B 420 -12.70 -35.05 18.96
CA VAL B 420 -11.73 -35.85 19.70
C VAL B 420 -11.16 -35.06 20.90
N PHE B 421 -10.77 -33.80 20.67
CA PHE B 421 -10.18 -32.94 21.69
C PHE B 421 -11.22 -32.48 22.74
N SER B 422 -12.54 -32.55 22.43
CA SER B 422 -13.61 -32.24 23.40
C SER B 422 -13.66 -33.33 24.46
N GLN B 423 -13.54 -34.60 24.02
CA GLN B 423 -13.53 -35.79 24.85
C GLN B 423 -12.25 -35.82 25.68
N MET B 424 -11.10 -35.40 25.10
CA MET B 424 -9.81 -35.33 25.79
C MET B 424 -9.85 -34.28 26.91
N ILE B 425 -10.46 -33.11 26.65
CA ILE B 425 -10.64 -32.03 27.64
C ILE B 425 -11.59 -32.55 28.75
N ASP B 426 -12.61 -33.33 28.38
CA ASP B 426 -13.57 -33.96 29.28
C ASP B 426 -12.89 -35.02 30.17
N GLU B 427 -12.03 -35.87 29.57
CA GLU B 427 -11.28 -36.95 30.24
C GLU B 427 -10.20 -36.41 31.20
N ALA B 428 -9.69 -35.19 30.94
CA ALA B 428 -8.67 -34.56 31.76
C ALA B 428 -9.26 -33.78 32.97
N GLU B 429 -10.61 -33.75 33.12
CA GLU B 429 -11.39 -33.03 34.14
C GLU B 429 -11.40 -31.52 33.81
N GLY B 430 -11.19 -31.19 32.55
CA GLY B 430 -11.20 -29.80 32.08
C GLY B 430 -12.60 -29.26 31.93
N LEU B 431 -13.51 -30.07 31.35
CA LEU B 431 -14.91 -29.67 31.12
C LEU B 431 -15.61 -29.24 32.42
N GLU B 432 -15.37 -29.97 33.55
CA GLU B 432 -15.98 -29.63 34.83
C GLU B 432 -15.42 -28.31 35.36
N LYS B 433 -14.11 -28.07 35.16
CA LYS B 433 -13.41 -26.85 35.59
C LYS B 433 -13.94 -25.64 34.81
N ILE B 434 -14.09 -25.75 33.46
CA ILE B 434 -14.63 -24.69 32.59
C ILE B 434 -16.08 -24.37 33.03
N GLU B 435 -16.92 -25.41 33.29
CA GLU B 435 -18.31 -25.30 33.78
C GLU B 435 -18.36 -24.53 35.10
N ASN B 436 -17.41 -24.78 36.01
CA ASN B 436 -17.26 -24.11 37.30
C ASN B 436 -16.75 -22.66 37.14
N LEU B 437 -16.01 -22.37 36.02
CA LEU B 437 -15.48 -21.03 35.75
C LEU B 437 -16.58 -20.04 35.34
N GLN B 438 -17.81 -20.54 35.10
CA GLN B 438 -18.98 -19.71 34.79
C GLN B 438 -19.47 -18.98 36.04
N SER B 439 -19.06 -19.48 37.22
CA SER B 439 -19.37 -18.93 38.54
C SER B 439 -18.27 -17.96 39.00
N HIS B 440 -17.34 -17.61 38.11
CA HIS B 440 -16.22 -16.75 38.45
C HIS B 440 -16.58 -15.26 38.44
N ASP B 441 -15.91 -14.48 39.31
CA ASP B 441 -16.09 -13.03 39.47
C ASP B 441 -15.45 -12.25 38.32
N ASN B 442 -14.34 -12.75 37.76
CA ASN B 442 -13.64 -12.07 36.67
C ASN B 442 -14.41 -12.22 35.36
N ASN B 443 -14.75 -11.09 34.72
CA ASN B 443 -15.51 -11.03 33.48
C ASN B 443 -14.77 -11.63 32.29
N GLU B 444 -13.42 -11.51 32.24
CA GLU B 444 -12.62 -12.10 31.15
C GLU B 444 -12.74 -13.62 31.20
N ILE B 445 -12.60 -14.22 32.39
CA ILE B 445 -12.71 -15.66 32.61
C ILE B 445 -14.12 -16.13 32.27
N TYR B 446 -15.15 -15.43 32.83
CA TYR B 446 -16.57 -15.76 32.64
C TYR B 446 -16.99 -15.76 31.17
N GLU B 447 -16.63 -14.71 30.40
CA GLU B 447 -17.04 -14.61 29.00
C GLU B 447 -16.31 -15.67 28.15
N LYS B 448 -15.06 -16.02 28.51
CA LYS B 448 -14.31 -17.05 27.79
C LYS B 448 -14.94 -18.44 28.04
N ALA B 449 -15.28 -18.75 29.32
CA ALA B 449 -15.89 -20.02 29.74
C ALA B 449 -17.21 -20.27 29.00
N VAL B 450 -18.09 -19.26 28.91
CA VAL B 450 -19.39 -19.31 28.24
C VAL B 450 -19.19 -19.53 26.72
N LYS B 451 -18.26 -18.77 26.09
CA LYS B 451 -17.94 -18.86 24.67
C LYS B 451 -17.51 -20.29 24.28
N ILE B 452 -16.66 -20.94 25.10
CA ILE B 452 -16.16 -22.29 24.88
C ILE B 452 -17.31 -23.32 25.01
N LEU B 453 -18.13 -23.21 26.08
CA LEU B 453 -19.21 -24.15 26.34
C LEU B 453 -20.34 -24.08 25.30
N GLU B 454 -20.70 -22.87 24.83
CA GLU B 454 -21.73 -22.67 23.81
C GLU B 454 -21.30 -23.24 22.44
N ALA B 455 -19.98 -23.24 22.17
CA ALA B 455 -19.40 -23.69 20.91
C ALA B 455 -19.13 -25.20 20.84
N TYR B 456 -18.71 -25.85 21.95
CA TYR B 456 -18.34 -27.27 21.88
C TYR B 456 -19.13 -28.20 22.83
N TRP B 457 -20.03 -27.65 23.67
CA TRP B 457 -20.83 -28.47 24.60
C TRP B 457 -22.28 -27.93 24.73
N MET B 458 -22.90 -27.54 23.59
CA MET B 458 -24.26 -27.03 23.56
C MET B 458 -25.28 -28.17 23.62
N SER C 1 -22.27 -6.94 -10.00
CA SER C 1 -21.85 -8.14 -10.74
C SER C 1 -21.91 -7.90 -12.26
N VAL C 2 -23.05 -7.45 -12.79
CA VAL C 2 -23.15 -7.15 -14.23
C VAL C 2 -23.10 -5.63 -14.47
N LEU C 3 -23.38 -4.82 -13.44
CA LEU C 3 -23.46 -3.36 -13.52
C LEU C 3 -22.10 -2.69 -13.47
N GLY C 4 -22.04 -1.48 -14.03
CA GLY C 4 -20.84 -0.67 -14.06
C GLY C 4 -20.57 -0.01 -15.40
N LYS C 5 -19.34 0.46 -15.59
CA LYS C 5 -18.92 1.14 -16.82
C LYS C 5 -18.92 0.20 -18.01
N ARG C 6 -19.46 0.70 -19.14
CA ARG C 6 -19.49 -0.01 -20.41
C ARG C 6 -18.77 0.79 -21.47
N LYS C 7 -17.77 0.20 -22.11
CA LYS C 7 -17.05 0.82 -23.22
C LYS C 7 -17.93 0.69 -24.46
N ARG C 8 -17.58 1.41 -25.54
CA ARG C 8 -18.33 1.32 -26.80
C ARG C 8 -18.11 -0.08 -27.42
N HIS C 9 -19.22 -0.83 -27.69
CA HIS C 9 -19.25 -2.19 -28.26
C HIS C 9 -18.11 -3.11 -27.76
N SER D 1 -6.33 -12.93 21.55
CA SER D 1 -6.88 -11.84 22.34
C SER D 1 -5.95 -11.50 23.51
N VAL D 2 -5.58 -12.50 24.35
CA VAL D 2 -4.67 -12.24 25.47
C VAL D 2 -3.25 -12.77 25.14
N LEU D 3 -3.15 -13.69 24.15
CA LEU D 3 -1.89 -14.34 23.79
C LEU D 3 -1.04 -13.50 22.87
N GLY D 4 0.25 -13.82 22.85
CA GLY D 4 1.23 -13.13 22.01
C GLY D 4 2.49 -12.71 22.74
N LYS D 5 3.22 -11.77 22.13
CA LYS D 5 4.46 -11.23 22.68
C LYS D 5 4.22 -10.43 23.95
N ARG D 6 5.10 -10.65 24.93
CA ARG D 6 5.12 -9.94 26.20
C ARG D 6 6.46 -9.29 26.39
N LYS D 7 6.49 -7.98 26.60
CA LYS D 7 7.75 -7.25 26.85
C LYS D 7 8.12 -7.50 28.32
N ARG D 8 9.34 -7.12 28.73
CA ARG D 8 9.76 -7.29 30.13
C ARG D 8 9.01 -6.30 31.02
N HIS D 9 8.49 -6.77 32.19
CA HIS D 9 7.74 -5.94 33.14
C HIS D 9 8.00 -6.36 34.58
#